data_8FT9
#
_entry.id   8FT9
#
_cell.length_a   60.824
_cell.length_b   89.891
_cell.length_c   186.849
_cell.angle_alpha   90.000
_cell.angle_beta   90.000
_cell.angle_gamma   90.000
#
_symmetry.space_group_name_H-M   'P 21 21 21'
#
loop_
_entity.id
_entity.type
_entity.pdbx_description
1 polymer 'VNAR B6'
2 non-polymer 'PHOSPHATE ION'
3 non-polymer GLYCEROL
4 water water
#
_entity_poly.entity_id   1
_entity_poly.type   'polypeptide(L)'
_entity_poly.pdbx_seq_one_letter_code
;AARVDQTPQTITKETGESLMFTCVLRDSNCGLSRTFWYRTKTGSTNEERISKGGRYVETVNSGSKSFSLRINDLTVEDSG
TYRCRGKSWYYECPYDVYGGGTVVTVNSGQAGHHHHHHGDYKDDDDKG
;
_entity_poly.pdbx_strand_id   A,B,C,D,E,F
#
# COMPACT_ATOMS: atom_id res chain seq x y z
N ALA A 1 -0.82 -18.90 -6.99
CA ALA A 1 -0.28 -18.07 -8.06
C ALA A 1 -1.30 -17.88 -9.17
N ALA A 2 -1.61 -16.62 -9.48
CA ALA A 2 -2.58 -16.30 -10.51
C ALA A 2 -1.94 -16.37 -11.89
N ARG A 3 -2.75 -16.76 -12.88
CA ARG A 3 -2.27 -16.79 -14.26
C ARG A 3 -3.35 -16.29 -15.21
N VAL A 4 -3.34 -16.82 -16.44
CA VAL A 4 -4.33 -16.47 -17.46
C VAL A 4 -4.29 -17.57 -18.52
N ASP A 5 -5.42 -18.21 -18.78
CA ASP A 5 -5.49 -19.32 -19.72
C ASP A 5 -5.94 -18.77 -21.06
N GLN A 6 -4.99 -18.70 -22.00
CA GLN A 6 -5.27 -18.23 -23.34
C GLN A 6 -5.54 -19.42 -24.25
N THR A 7 -6.58 -19.31 -25.08
CA THR A 7 -6.96 -20.37 -26.00
C THR A 7 -7.48 -19.75 -27.29
N PRO A 8 -7.23 -20.39 -28.44
CA PRO A 8 -6.48 -21.63 -28.63
C PRO A 8 -4.98 -21.39 -28.67
N GLN A 9 -4.16 -22.44 -28.72
CA GLN A 9 -2.71 -22.28 -28.76
C GLN A 9 -2.18 -22.10 -30.18
N THR A 10 -2.85 -22.68 -31.17
CA THR A 10 -2.46 -22.56 -32.57
C THR A 10 -3.70 -22.29 -33.40
N ILE A 11 -3.54 -21.48 -34.44
CA ILE A 11 -4.63 -21.14 -35.35
C ILE A 11 -4.10 -21.13 -36.77
N THR A 12 -4.84 -21.74 -37.69
CA THR A 12 -4.54 -21.72 -39.12
C THR A 12 -5.81 -21.35 -39.85
N LYS A 13 -5.77 -20.29 -40.64
CA LYS A 13 -6.95 -19.80 -41.35
C LYS A 13 -6.55 -19.35 -42.74
N GLU A 14 -7.56 -19.12 -43.57
CA GLU A 14 -7.38 -18.58 -44.91
C GLU A 14 -7.73 -17.09 -44.93
N THR A 15 -7.29 -16.42 -45.98
CA THR A 15 -7.55 -14.99 -46.09
C THR A 15 -9.04 -14.72 -46.08
N GLY A 16 -9.44 -13.62 -45.43
CA GLY A 16 -10.81 -13.20 -45.39
C GLY A 16 -11.62 -13.72 -44.23
N GLU A 17 -11.19 -14.81 -43.60
CA GLU A 17 -11.94 -15.41 -42.51
C GLU A 17 -11.63 -14.68 -41.20
N SER A 18 -12.14 -15.21 -40.09
CA SER A 18 -11.98 -14.59 -38.79
C SER A 18 -11.54 -15.63 -37.78
N LEU A 19 -10.93 -15.16 -36.69
CA LEU A 19 -10.50 -16.01 -35.59
C LEU A 19 -10.89 -15.34 -34.28
N MET A 20 -10.66 -16.05 -33.18
CA MET A 20 -11.03 -15.53 -31.86
C MET A 20 -10.16 -16.15 -30.79
N PHE A 21 -9.53 -15.29 -29.99
CA PHE A 21 -8.82 -15.72 -28.79
C PHE A 21 -9.71 -15.53 -27.58
N THR A 22 -9.32 -16.17 -26.48
CA THR A 22 -10.05 -16.04 -25.22
C THR A 22 -9.08 -16.23 -24.08
N CYS A 23 -9.12 -15.31 -23.11
CA CYS A 23 -8.29 -15.38 -21.91
C CYS A 23 -9.18 -15.35 -20.68
N VAL A 24 -8.82 -16.14 -19.68
CA VAL A 24 -9.58 -16.24 -18.43
C VAL A 24 -8.61 -16.14 -17.26
N LEU A 25 -8.91 -15.25 -16.33
CA LEU A 25 -8.09 -15.09 -15.13
C LEU A 25 -8.44 -16.19 -14.14
N ARG A 26 -7.43 -16.97 -13.73
CA ARG A 26 -7.63 -18.11 -12.86
C ARG A 26 -6.72 -18.01 -11.65
N ASP A 27 -7.13 -18.68 -10.58
CA ASP A 27 -6.33 -18.76 -9.36
C ASP A 27 -6.05 -17.38 -8.79
N SER A 28 -7.11 -16.59 -8.63
CA SER A 28 -6.97 -15.25 -8.07
C SER A 28 -8.31 -14.82 -7.49
N ASN A 29 -8.24 -14.05 -6.40
CA ASN A 29 -9.42 -13.47 -5.78
C ASN A 29 -9.77 -12.10 -6.34
N CYS A 30 -8.90 -11.51 -7.16
CA CYS A 30 -9.16 -10.20 -7.73
C CYS A 30 -9.94 -10.37 -9.03
N GLY A 31 -10.68 -9.32 -9.40
CA GLY A 31 -11.45 -9.32 -10.61
C GLY A 31 -10.74 -8.59 -11.75
N LEU A 32 -11.36 -8.66 -12.92
CA LEU A 32 -10.80 -8.01 -14.09
C LEU A 32 -10.81 -6.49 -13.90
N SER A 33 -9.83 -5.84 -14.54
CA SER A 33 -9.73 -4.39 -14.48
C SER A 33 -9.30 -3.84 -15.84
N ARG A 34 -8.01 -3.92 -16.13
CA ARG A 34 -7.46 -3.47 -17.40
C ARG A 34 -7.09 -4.69 -18.25
N THR A 35 -7.56 -4.71 -19.49
CA THR A 35 -7.30 -5.81 -20.41
C THR A 35 -6.69 -5.27 -21.69
N PHE A 36 -5.69 -5.99 -22.22
CA PHE A 36 -4.98 -5.57 -23.41
C PHE A 36 -4.66 -6.79 -24.27
N TRP A 37 -4.33 -6.53 -25.54
CA TRP A 37 -3.91 -7.56 -26.47
C TRP A 37 -2.69 -7.07 -27.24
N TYR A 38 -1.71 -7.95 -27.42
CA TYR A 38 -0.45 -7.61 -28.06
C TYR A 38 -0.20 -8.54 -29.25
N ARG A 39 0.65 -8.06 -30.17
CA ARG A 39 0.94 -8.76 -31.41
C ARG A 39 2.43 -8.64 -31.71
N THR A 40 3.01 -9.74 -32.19
CA THR A 40 4.41 -9.79 -32.61
C THR A 40 4.44 -10.30 -34.05
N LYS A 41 4.71 -9.40 -34.99
CA LYS A 41 4.76 -9.81 -36.39
C LYS A 41 6.03 -10.60 -36.66
N THR A 42 5.97 -11.44 -37.71
CA THR A 42 7.12 -12.25 -38.07
C THR A 42 8.29 -11.39 -38.47
N GLY A 43 9.43 -11.56 -37.77
CA GLY A 43 10.61 -10.79 -38.07
C GLY A 43 10.78 -9.55 -37.21
N SER A 44 10.40 -9.62 -35.94
CA SER A 44 10.41 -8.46 -35.07
CA SER A 44 10.41 -8.46 -35.07
C SER A 44 10.85 -8.86 -33.67
N THR A 45 11.59 -7.95 -33.02
CA THR A 45 12.00 -8.11 -31.64
C THR A 45 11.14 -7.30 -30.69
N ASN A 46 10.06 -6.69 -31.18
CA ASN A 46 9.21 -5.81 -30.40
C ASN A 46 7.76 -6.28 -30.52
N GLU A 47 6.89 -5.64 -29.74
CA GLU A 47 5.48 -5.96 -29.71
C GLU A 47 4.65 -4.69 -29.88
N GLU A 48 3.57 -4.81 -30.64
CA GLU A 48 2.66 -3.70 -30.89
C GLU A 48 1.31 -4.02 -30.25
N ARG A 49 0.76 -3.04 -29.53
CA ARG A 49 -0.54 -3.21 -28.91
C ARG A 49 -1.65 -3.02 -29.93
N ILE A 50 -2.67 -3.86 -29.84
CA ILE A 50 -3.82 -3.79 -30.72
C ILE A 50 -4.82 -2.79 -30.16
N SER A 51 -5.38 -1.95 -31.03
CA SER A 51 -6.38 -0.94 -30.63
C SER A 51 -7.77 -1.47 -30.97
N LYS A 52 -8.74 -1.28 -30.07
CA LYS A 52 -10.13 -1.73 -30.32
C LYS A 52 -10.63 -0.92 -31.51
N GLY A 53 -11.37 -1.53 -32.42
CA GLY A 53 -11.82 -0.86 -33.64
C GLY A 53 -12.76 -1.73 -34.46
N GLY A 54 -13.05 -1.34 -35.70
CA GLY A 54 -13.96 -2.06 -36.56
C GLY A 54 -13.76 -3.57 -36.59
N ARG A 55 -12.72 -4.02 -37.30
CA ARG A 55 -12.46 -5.45 -37.41
C ARG A 55 -11.82 -6.03 -36.16
N TYR A 56 -11.30 -5.19 -35.26
CA TYR A 56 -10.70 -5.63 -34.01
C TYR A 56 -11.71 -5.38 -32.89
N VAL A 57 -12.58 -6.36 -32.64
CA VAL A 57 -13.63 -6.24 -31.63
C VAL A 57 -13.23 -7.06 -30.41
N GLU A 58 -13.37 -6.43 -29.24
CA GLU A 58 -13.01 -7.05 -27.97
C GLU A 58 -14.20 -7.00 -27.02
N THR A 59 -14.36 -8.05 -26.23
CA THR A 59 -15.43 -8.15 -25.24
C THR A 59 -14.85 -8.61 -23.92
N VAL A 60 -15.47 -8.16 -22.82
CA VAL A 60 -15.03 -8.49 -21.48
C VAL A 60 -16.24 -8.89 -20.65
N ASN A 61 -16.15 -10.03 -19.97
CA ASN A 61 -17.20 -10.55 -19.11
C ASN A 61 -16.64 -10.62 -17.69
N SER A 62 -16.88 -9.57 -16.90
CA SER A 62 -16.35 -9.52 -15.55
C SER A 62 -16.91 -10.66 -14.69
N GLY A 63 -18.13 -11.10 -14.98
CA GLY A 63 -18.72 -12.16 -14.18
C GLY A 63 -17.93 -13.44 -14.23
N SER A 64 -17.50 -13.85 -15.42
CA SER A 64 -16.75 -15.08 -15.60
C SER A 64 -15.24 -14.84 -15.68
N LYS A 65 -14.78 -13.61 -15.48
CA LYS A 65 -13.36 -13.29 -15.52
C LYS A 65 -12.74 -13.75 -16.83
N SER A 66 -13.39 -13.40 -17.95
CA SER A 66 -12.94 -13.80 -19.27
C SER A 66 -13.07 -12.64 -20.23
N PHE A 67 -12.05 -12.47 -21.08
CA PHE A 67 -12.07 -11.45 -22.12
C PHE A 67 -11.55 -12.06 -23.42
N SER A 68 -12.16 -11.67 -24.53
CA SER A 68 -11.88 -12.26 -25.84
C SER A 68 -11.57 -11.17 -26.85
N LEU A 69 -10.91 -11.57 -27.93
CA LEU A 69 -10.61 -10.69 -29.05
C LEU A 69 -10.94 -11.41 -30.35
N ARG A 70 -11.72 -10.77 -31.21
CA ARG A 70 -12.08 -11.31 -32.51
C ARG A 70 -11.52 -10.40 -33.60
N ILE A 71 -10.88 -11.01 -34.60
CA ILE A 71 -10.31 -10.30 -35.74
C ILE A 71 -11.03 -10.77 -37.00
N ASN A 72 -11.59 -9.83 -37.74
CA ASN A 72 -12.31 -10.13 -38.97
C ASN A 72 -11.46 -9.75 -40.18
N ASP A 73 -11.84 -10.30 -41.34
CA ASP A 73 -11.16 -10.05 -42.60
C ASP A 73 -9.66 -10.29 -42.47
N LEU A 74 -9.31 -11.53 -42.18
CA LEU A 74 -7.91 -11.88 -41.97
C LEU A 74 -7.10 -11.69 -43.25
N THR A 75 -5.80 -11.47 -43.09
CA THR A 75 -4.89 -11.29 -44.20
C THR A 75 -3.59 -12.03 -43.89
N VAL A 76 -2.80 -12.26 -44.94
CA VAL A 76 -1.52 -12.94 -44.75
C VAL A 76 -0.63 -12.16 -43.80
N GLU A 77 -0.76 -10.83 -43.79
CA GLU A 77 0.05 -10.01 -42.89
C GLU A 77 -0.36 -10.15 -41.43
N ASP A 78 -1.54 -10.71 -41.17
CA ASP A 78 -1.99 -10.90 -39.79
C ASP A 78 -1.34 -12.10 -39.12
N SER A 79 -0.49 -12.84 -39.83
CA SER A 79 0.20 -13.96 -39.23
C SER A 79 1.18 -13.49 -38.15
N GLY A 80 1.34 -14.30 -37.13
CA GLY A 80 2.22 -13.99 -36.03
C GLY A 80 1.69 -14.63 -34.75
N THR A 81 2.20 -14.14 -33.62
CA THR A 81 1.82 -14.64 -32.31
C THR A 81 1.09 -13.54 -31.55
N TYR A 82 -0.04 -13.89 -30.92
CA TYR A 82 -0.87 -12.96 -30.19
C TYR A 82 -0.98 -13.44 -28.75
N ARG A 83 -0.79 -12.51 -27.81
CA ARG A 83 -0.89 -12.82 -26.39
C ARG A 83 -1.63 -11.70 -25.67
N CYS A 84 -2.41 -12.08 -24.66
CA CYS A 84 -3.25 -11.16 -23.92
C CYS A 84 -2.59 -10.74 -22.62
N ARG A 85 -3.16 -9.71 -22.00
CA ARG A 85 -2.62 -9.18 -20.76
C ARG A 85 -3.76 -8.65 -19.90
N GLY A 86 -3.71 -8.99 -18.61
CA GLY A 86 -4.67 -8.51 -17.64
C GLY A 86 -3.96 -8.01 -16.41
N LYS A 87 -4.19 -6.75 -16.04
CA LYS A 87 -3.47 -6.12 -14.95
C LYS A 87 -4.42 -5.25 -14.13
N SER A 88 -4.08 -5.08 -12.85
CA SER A 88 -4.82 -4.22 -11.95
C SER A 88 -3.84 -3.64 -10.93
N TRP A 89 -3.96 -2.34 -10.68
CA TRP A 89 -3.10 -1.66 -9.73
C TRP A 89 -3.77 -1.43 -8.38
N TYR A 90 -4.98 -1.95 -8.18
CA TYR A 90 -5.65 -1.84 -6.90
C TYR A 90 -4.72 -2.34 -5.80
N TYR A 91 -4.42 -1.47 -4.84
CA TYR A 91 -3.41 -1.79 -3.84
C TYR A 91 -3.80 -3.00 -2.98
N GLU A 92 -5.10 -3.29 -2.86
CA GLU A 92 -5.53 -4.45 -2.08
C GLU A 92 -5.46 -5.75 -2.85
N CYS A 93 -5.53 -5.70 -4.19
CA CYS A 93 -5.47 -6.90 -5.02
C CYS A 93 -4.85 -6.52 -6.35
N PRO A 94 -3.53 -6.35 -6.39
CA PRO A 94 -2.86 -6.02 -7.66
C PRO A 94 -2.32 -7.26 -8.35
N TYR A 95 -2.20 -7.21 -9.67
CA TYR A 95 -1.68 -8.33 -10.44
C TYR A 95 -1.29 -7.84 -11.83
N ASP A 96 -0.53 -8.66 -12.53
CA ASP A 96 -0.10 -8.35 -13.90
C ASP A 96 0.37 -9.66 -14.53
N VAL A 97 -0.49 -10.26 -15.33
CA VAL A 97 -0.23 -11.58 -15.91
C VAL A 97 -0.48 -11.52 -17.40
N TYR A 98 0.28 -12.35 -18.13
CA TYR A 98 0.19 -12.45 -19.58
C TYR A 98 -0.34 -13.83 -19.96
N GLY A 99 -0.88 -13.90 -21.18
CA GLY A 99 -1.37 -15.17 -21.68
C GLY A 99 -0.27 -16.00 -22.27
N GLY A 100 -0.54 -17.30 -22.42
CA GLY A 100 0.43 -18.22 -22.97
C GLY A 100 0.77 -17.92 -24.42
N GLY A 101 -0.13 -17.27 -25.15
CA GLY A 101 0.10 -16.91 -26.53
C GLY A 101 -0.62 -17.83 -27.49
N THR A 102 -0.84 -17.33 -28.71
CA THR A 102 -1.50 -18.09 -29.76
C THR A 102 -0.77 -17.81 -31.07
N VAL A 103 -0.30 -18.86 -31.72
CA VAL A 103 0.41 -18.73 -33.00
C VAL A 103 -0.62 -18.78 -34.11
N VAL A 104 -0.61 -17.75 -34.96
CA VAL A 104 -1.59 -17.59 -36.02
C VAL A 104 -0.87 -17.71 -37.36
N THR A 105 -1.45 -18.49 -38.27
CA THR A 105 -0.91 -18.68 -39.61
C THR A 105 -2.05 -18.46 -40.61
N VAL A 106 -1.92 -17.41 -41.43
CA VAL A 106 -2.94 -17.05 -42.39
C VAL A 106 -2.42 -17.40 -43.78
N ASN A 107 -3.12 -18.29 -44.47
CA ASN A 107 -2.76 -18.73 -45.80
C ASN A 107 -3.73 -18.16 -46.81
N SER A 108 -3.54 -18.52 -48.08
CA SER A 108 -4.38 -18.06 -49.17
C SER A 108 -4.52 -19.17 -50.19
N GLY A 109 -5.76 -19.56 -50.47
CA GLY A 109 -6.03 -20.63 -51.41
C GLY A 109 -5.84 -22.02 -50.81
N ALA B 1 35.55 19.18 14.66
CA ALA B 1 35.25 18.35 13.50
C ALA B 1 34.78 16.97 13.94
N ALA B 2 33.76 16.94 14.79
CA ALA B 2 33.20 15.66 15.24
C ALA B 2 32.66 14.88 14.05
N ARG B 3 33.11 13.63 13.93
CA ARG B 3 32.69 12.76 12.83
C ARG B 3 32.41 11.38 13.38
N VAL B 4 32.23 10.42 12.49
CA VAL B 4 31.98 9.03 12.85
C VAL B 4 32.36 8.15 11.68
N ASP B 5 33.26 7.20 11.92
CA ASP B 5 33.81 6.34 10.87
C ASP B 5 33.04 5.02 10.85
N GLN B 6 32.26 4.83 9.79
CA GLN B 6 31.49 3.60 9.61
C GLN B 6 32.29 2.61 8.78
N THR B 7 32.32 1.36 9.23
CA THR B 7 33.03 0.28 8.56
C THR B 7 32.24 -1.01 8.70
N PRO B 8 32.30 -1.90 7.69
CA PRO B 8 33.00 -1.80 6.41
C PRO B 8 32.21 -0.99 5.38
N GLN B 9 32.81 -0.73 4.21
CA GLN B 9 32.13 0.05 3.17
C GLN B 9 31.25 -0.81 2.27
N THR B 10 31.64 -2.07 2.03
CA THR B 10 30.87 -2.97 1.19
C THR B 10 30.78 -4.34 1.86
N ILE B 11 29.64 -5.00 1.70
CA ILE B 11 29.41 -6.33 2.26
C ILE B 11 28.67 -7.17 1.24
N THR B 12 29.12 -8.41 1.08
CA THR B 12 28.46 -9.39 0.22
C THR B 12 28.30 -10.68 1.02
N LYS B 13 27.06 -11.16 1.14
CA LYS B 13 26.75 -12.33 1.94
C LYS B 13 25.71 -13.18 1.24
N GLU B 14 25.54 -14.40 1.73
CA GLU B 14 24.51 -15.31 1.26
C GLU B 14 23.36 -15.35 2.25
N THR B 15 22.22 -15.86 1.77
CA THR B 15 21.04 -15.95 2.63
C THR B 15 21.36 -16.82 3.84
N GLY B 16 20.83 -16.42 5.00
CA GLY B 16 20.99 -17.18 6.22
C GLY B 16 22.18 -16.78 7.06
N GLU B 17 23.18 -16.11 6.49
CA GLU B 17 24.38 -15.74 7.21
C GLU B 17 24.14 -14.46 8.00
N SER B 18 25.20 -13.91 8.60
CA SER B 18 25.11 -12.73 9.44
C SER B 18 26.19 -11.73 9.04
N LEU B 19 25.93 -10.46 9.35
CA LEU B 19 26.89 -9.39 9.12
C LEU B 19 26.90 -8.47 10.33
N MET B 20 27.82 -7.49 10.31
CA MET B 20 27.95 -6.56 11.42
C MET B 20 28.58 -5.27 10.93
N PHE B 21 27.94 -4.15 11.20
CA PHE B 21 28.52 -2.83 10.99
C PHE B 21 29.09 -2.30 12.31
N THR B 22 29.92 -1.27 12.20
CA THR B 22 30.51 -0.64 13.38
C THR B 22 30.80 0.82 13.09
N CYS B 23 30.40 1.69 14.00
CA CYS B 23 30.65 3.12 13.91
C CYS B 23 31.37 3.59 15.17
N VAL B 24 32.33 4.49 14.99
CA VAL B 24 33.14 5.01 16.10
C VAL B 24 33.20 6.52 15.98
N LEU B 25 32.89 7.21 17.07
CA LEU B 25 32.95 8.66 17.11
C LEU B 25 34.40 9.10 17.30
N ARG B 26 34.91 9.91 16.39
CA ARG B 26 36.30 10.32 16.39
C ARG B 26 36.40 11.84 16.32
N ASP B 27 37.52 12.37 16.83
CA ASP B 27 37.80 13.81 16.80
C ASP B 27 36.72 14.59 17.51
N SER B 28 36.43 14.20 18.75
CA SER B 28 35.43 14.88 19.56
C SER B 28 35.69 14.59 21.03
N ASN B 29 35.36 15.57 21.88
CA ASN B 29 35.49 15.41 23.32
C ASN B 29 34.24 14.83 23.96
N CYS B 30 33.14 14.72 23.21
CA CYS B 30 31.90 14.19 23.75
C CYS B 30 31.85 12.67 23.62
N GLY B 31 31.06 12.05 24.49
CA GLY B 31 30.86 10.62 24.45
C GLY B 31 29.55 10.25 23.76
N LEU B 32 29.36 8.95 23.59
CA LEU B 32 28.14 8.46 22.97
C LEU B 32 26.94 8.74 23.86
N SER B 33 25.78 8.93 23.21
CA SER B 33 24.54 9.17 23.92
C SER B 33 23.40 8.44 23.24
N ARG B 34 22.87 9.00 22.16
CA ARG B 34 21.80 8.39 21.38
C ARG B 34 22.38 7.87 20.07
N THR B 35 22.13 6.60 19.78
CA THR B 35 22.65 5.94 18.59
C THR B 35 21.49 5.34 17.80
N PHE B 36 21.59 5.45 16.47
CA PHE B 36 20.54 4.94 15.60
C PHE B 36 21.17 4.32 14.36
N TRP B 37 20.36 3.51 13.67
CA TRP B 37 20.77 2.87 12.42
C TRP B 37 19.63 2.99 11.43
N TYR B 38 19.98 3.29 10.18
CA TYR B 38 19.01 3.51 9.11
C TYR B 38 19.29 2.57 7.95
N ARG B 39 18.26 2.35 7.14
CA ARG B 39 18.31 1.40 6.04
C ARG B 39 17.64 1.99 4.82
N THR B 40 18.26 1.82 3.66
CA THR B 40 17.71 2.25 2.38
C THR B 40 17.70 1.04 1.45
N LYS B 41 16.52 0.47 1.25
CA LYS B 41 16.36 -0.68 0.37
C LYS B 41 16.45 -0.25 -1.09
N THR B 42 16.70 -1.23 -1.96
CA THR B 42 16.83 -0.96 -3.38
C THR B 42 15.57 -0.27 -3.89
N GLY B 43 15.77 0.84 -4.59
CA GLY B 43 14.71 1.71 -5.04
C GLY B 43 14.56 2.96 -4.21
N SER B 44 15.08 2.94 -2.98
CA SER B 44 15.35 4.13 -2.18
C SER B 44 14.13 5.04 -2.17
N THR B 45 14.37 6.35 -2.01
CA THR B 45 13.38 7.42 -1.88
C THR B 45 12.95 7.60 -0.44
N ASN B 46 13.49 6.84 0.50
CA ASN B 46 13.11 6.96 1.90
C ASN B 46 13.98 6.09 2.80
N GLU B 47 14.57 6.69 3.83
CA GLU B 47 15.34 5.96 4.82
C GLU B 47 14.42 5.48 5.94
N GLU B 48 14.65 4.25 6.40
CA GLU B 48 13.86 3.65 7.46
C GLU B 48 14.73 3.40 8.68
N ARG B 49 14.21 3.77 9.85
CA ARG B 49 14.93 3.54 11.10
C ARG B 49 14.78 2.09 11.55
N ILE B 50 15.88 1.51 12.01
CA ILE B 50 15.88 0.14 12.48
C ILE B 50 15.54 0.13 13.97
N SER B 51 14.74 -0.85 14.39
CA SER B 51 14.37 -1.02 15.79
C SER B 51 15.10 -2.23 16.37
N LYS B 52 15.68 -2.05 17.55
CA LYS B 52 16.40 -3.13 18.20
C LYS B 52 15.46 -4.31 18.45
N GLY B 53 15.99 -5.52 18.25
CA GLY B 53 15.25 -6.73 18.57
C GLY B 53 15.41 -7.83 17.54
N GLY B 54 14.98 -9.04 17.90
CA GLY B 54 15.04 -10.18 17.00
C GLY B 54 16.36 -10.32 16.27
N ARG B 55 16.31 -10.19 14.94
CA ARG B 55 17.50 -10.34 14.11
C ARG B 55 18.42 -9.13 14.16
N TYR B 56 17.94 -7.99 14.67
CA TYR B 56 18.74 -6.77 14.75
C TYR B 56 19.23 -6.60 16.18
N VAL B 57 20.52 -6.80 16.38
CA VAL B 57 21.16 -6.68 17.70
C VAL B 57 22.06 -5.45 17.66
N GLU B 58 21.78 -4.48 18.53
CA GLU B 58 22.54 -3.25 18.61
C GLU B 58 23.38 -3.25 19.89
N THR B 59 24.60 -2.74 19.77
CA THR B 59 25.51 -2.65 20.90
C THR B 59 26.16 -1.28 20.94
N VAL B 60 26.46 -0.81 22.14
CA VAL B 60 27.10 0.48 22.38
C VAL B 60 28.20 0.28 23.40
N ASN B 61 29.41 0.74 23.08
CA ASN B 61 30.56 0.64 23.99
C ASN B 61 31.05 2.06 24.30
N SER B 62 30.59 2.61 25.42
CA SER B 62 30.98 3.97 25.78
C SER B 62 32.48 4.09 26.00
N GLY B 63 33.12 3.02 26.46
CA GLY B 63 34.55 3.08 26.72
C GLY B 63 35.36 3.38 25.48
N SER B 64 35.05 2.69 24.39
CA SER B 64 35.77 2.86 23.12
C SER B 64 35.04 3.77 22.15
N LYS B 65 33.92 4.38 22.56
CA LYS B 65 33.16 5.27 21.71
C LYS B 65 32.77 4.59 20.40
N SER B 66 32.26 3.36 20.51
CA SER B 66 31.91 2.57 19.34
C SER B 66 30.57 1.89 19.58
N PHE B 67 29.73 1.86 18.54
CA PHE B 67 28.45 1.17 18.57
C PHE B 67 28.27 0.40 17.27
N SER B 68 27.69 -0.80 17.38
CA SER B 68 27.60 -1.73 16.26
C SER B 68 26.17 -2.18 16.04
N LEU B 69 25.92 -2.69 14.84
CA LEU B 69 24.64 -3.31 14.48
C LEU B 69 24.92 -4.64 13.80
N ARG B 70 24.33 -5.70 14.32
CA ARG B 70 24.45 -7.05 13.76
C ARG B 70 23.09 -7.51 13.30
N ILE B 71 23.03 -8.06 12.08
CA ILE B 71 21.79 -8.58 11.51
C ILE B 71 21.98 -10.07 11.28
N ASN B 72 21.11 -10.88 11.87
CA ASN B 72 21.15 -12.32 11.75
C ASN B 72 20.05 -12.81 10.81
N ASP B 73 20.21 -14.05 10.35
CA ASP B 73 19.26 -14.68 9.43
C ASP B 73 18.99 -13.77 8.24
N LEU B 74 20.06 -13.51 7.48
CA LEU B 74 19.98 -12.60 6.36
C LEU B 74 19.02 -13.12 5.30
N THR B 75 18.49 -12.19 4.51
CA THR B 75 17.60 -12.52 3.41
C THR B 75 17.95 -11.65 2.21
N VAL B 76 17.49 -12.07 1.04
CA VAL B 76 17.75 -11.31 -0.17
C VAL B 76 17.17 -9.91 -0.05
N GLU B 77 16.07 -9.76 0.70
CA GLU B 77 15.42 -8.47 0.87
C GLU B 77 16.25 -7.51 1.73
N ASP B 78 17.25 -8.01 2.45
CA ASP B 78 18.09 -7.17 3.30
C ASP B 78 19.14 -6.38 2.51
N SER B 79 19.21 -6.55 1.19
CA SER B 79 20.15 -5.77 0.39
C SER B 79 19.75 -4.30 0.42
N GLY B 80 20.75 -3.44 0.37
CA GLY B 80 20.52 -2.00 0.41
C GLY B 80 21.69 -1.29 1.05
N THR B 81 21.45 -0.06 1.49
CA THR B 81 22.46 0.77 2.12
C THR B 81 22.11 1.01 3.58
N TYR B 82 23.10 0.87 4.45
CA TYR B 82 22.95 1.07 5.89
C TYR B 82 23.92 2.14 6.34
N ARG B 83 23.43 3.11 7.11
CA ARG B 83 24.25 4.18 7.64
C ARG B 83 23.83 4.46 9.07
N CYS B 84 24.80 4.81 9.91
CA CYS B 84 24.58 5.04 11.32
C CYS B 84 24.47 6.53 11.62
N ARG B 85 24.01 6.84 12.84
CA ARG B 85 23.81 8.20 13.28
C ARG B 85 24.05 8.27 14.78
N GLY B 86 24.80 9.28 15.21
CA GLY B 86 25.04 9.52 16.63
C GLY B 86 24.89 10.98 16.97
N LYS B 87 23.99 11.29 17.91
CA LYS B 87 23.70 12.67 18.26
C LYS B 87 23.50 12.80 19.76
N SER B 88 23.80 13.99 20.27
CA SER B 88 23.60 14.32 21.67
C SER B 88 23.29 15.82 21.78
N TRP B 89 22.32 16.14 22.62
CA TRP B 89 21.90 17.52 22.84
C TRP B 89 22.50 18.12 24.11
N TYR B 90 23.41 17.41 24.77
CA TYR B 90 24.08 17.93 25.95
C TYR B 90 24.70 19.30 25.67
N TYR B 91 24.27 20.29 26.44
CA TYR B 91 24.64 21.68 26.14
C TYR B 91 26.15 21.91 26.22
N GLU B 92 26.89 21.09 26.97
CA GLU B 92 28.33 21.28 27.04
C GLU B 92 29.05 20.64 25.86
N CYS B 93 28.46 19.61 25.25
CA CYS B 93 29.09 18.91 24.14
C CYS B 93 28.00 18.30 23.25
N PRO B 94 27.36 19.12 22.42
CA PRO B 94 26.34 18.61 21.50
C PRO B 94 26.91 18.29 20.13
N TYR B 95 26.28 17.34 19.46
CA TYR B 95 26.73 16.93 18.12
C TYR B 95 25.60 16.15 17.44
N ASP B 96 25.78 15.96 16.13
CA ASP B 96 24.82 15.19 15.33
C ASP B 96 25.52 14.80 14.03
N VAL B 97 26.00 13.56 13.97
CA VAL B 97 26.82 13.09 12.86
C VAL B 97 26.24 11.78 12.32
N TYR B 98 26.45 11.56 11.01
CA TYR B 98 25.98 10.37 10.32
C TYR B 98 27.18 9.56 9.82
N GLY B 99 26.92 8.26 9.57
CA GLY B 99 27.96 7.40 9.06
C GLY B 99 28.11 7.47 7.55
N GLY B 100 29.26 6.99 7.07
CA GLY B 100 29.53 7.01 5.65
C GLY B 100 28.63 6.09 4.85
N GLY B 101 28.12 5.04 5.47
CA GLY B 101 27.23 4.10 4.81
C GLY B 101 27.94 2.81 4.43
N THR B 102 27.14 1.75 4.26
CA THR B 102 27.64 0.44 3.88
C THR B 102 26.69 -0.18 2.87
N VAL B 103 27.23 -0.56 1.72
CA VAL B 103 26.43 -1.20 0.67
C VAL B 103 26.42 -2.70 0.90
N VAL B 104 25.23 -3.28 0.98
CA VAL B 104 25.03 -4.69 1.30
C VAL B 104 24.40 -5.38 0.10
N THR B 105 24.92 -6.56 -0.23
CA THR B 105 24.39 -7.39 -1.32
C THR B 105 24.20 -8.80 -0.78
N VAL B 106 22.96 -9.26 -0.74
CA VAL B 106 22.61 -10.58 -0.23
C VAL B 106 22.20 -11.46 -1.40
N ASN B 107 22.95 -12.54 -1.61
CA ASN B 107 22.68 -13.50 -2.67
C ASN B 107 22.19 -14.81 -2.07
N SER B 108 21.94 -15.79 -2.93
CA SER B 108 21.49 -17.11 -2.49
C SER B 108 22.08 -18.17 -3.41
N GLY B 109 22.57 -19.25 -2.81
CA GLY B 109 23.16 -20.35 -3.57
C GLY B 109 24.67 -20.41 -3.42
N ARG C 3 -10.92 5.22 15.15
CA ARG C 3 -10.11 4.09 14.69
C ARG C 3 -9.11 3.66 15.76
N VAL C 4 -8.82 4.56 16.70
CA VAL C 4 -7.91 4.26 17.79
C VAL C 4 -8.23 5.19 18.96
N ASP C 5 -8.55 4.61 20.10
CA ASP C 5 -8.98 5.34 21.28
C ASP C 5 -7.81 5.50 22.24
N GLN C 6 -7.32 6.73 22.38
CA GLN C 6 -6.25 7.03 23.31
C GLN C 6 -6.86 7.46 24.64
N THR C 7 -6.35 6.92 25.73
CA THR C 7 -6.84 7.23 27.06
C THR C 7 -5.69 7.24 28.04
N PRO C 8 -5.75 8.10 29.07
CA PRO C 8 -6.79 9.08 29.38
C PRO C 8 -6.59 10.37 28.59
N GLN C 9 -7.54 11.31 28.67
CA GLN C 9 -7.44 12.57 27.94
C GLN C 9 -6.64 13.63 28.68
N THR C 10 -6.68 13.62 30.02
CA THR C 10 -5.95 14.58 30.83
C THR C 10 -5.28 13.86 31.97
N ILE C 11 -4.07 14.30 32.32
CA ILE C 11 -3.30 13.73 33.42
C ILE C 11 -2.63 14.85 34.19
N THR C 12 -2.69 14.78 35.51
CA THR C 12 -2.00 15.69 36.40
C THR C 12 -1.26 14.86 37.44
N LYS C 13 0.06 15.04 37.53
CA LYS C 13 0.90 14.25 38.41
C LYS C 13 1.93 15.15 39.08
N GLU C 14 2.58 14.60 40.10
CA GLU C 14 3.69 15.26 40.78
C GLU C 14 5.01 14.64 40.34
N THR C 15 6.09 15.37 40.61
CA THR C 15 7.42 14.89 40.22
C THR C 15 7.71 13.55 40.90
N GLY C 16 8.38 12.66 40.17
CA GLY C 16 8.81 11.39 40.71
C GLY C 16 7.84 10.24 40.48
N GLU C 17 6.56 10.53 40.23
CA GLU C 17 5.58 9.48 40.04
C GLU C 17 5.63 8.96 38.61
N SER C 18 4.68 8.10 38.25
CA SER C 18 4.61 7.49 36.93
C SER C 18 3.20 7.59 36.39
N LEU C 19 3.10 7.52 35.06
CA LEU C 19 1.81 7.53 34.38
C LEU C 19 1.84 6.49 33.27
N MET C 20 0.70 6.29 32.63
CA MET C 20 0.59 5.31 31.55
C MET C 20 -0.55 5.69 30.63
N PHE C 21 -0.26 5.79 29.34
CA PHE C 21 -1.27 5.94 28.31
C PHE C 21 -1.60 4.59 27.71
N THR C 22 -2.72 4.54 27.00
CA THR C 22 -3.14 3.30 26.34
C THR C 22 -3.95 3.65 25.11
N CYS C 23 -3.63 3.00 23.99
CA CYS C 23 -4.35 3.15 22.73
C CYS C 23 -4.85 1.80 22.28
N VAL C 24 -6.06 1.76 21.73
CA VAL C 24 -6.70 0.53 21.30
C VAL C 24 -7.26 0.74 19.89
N LEU C 25 -6.92 -0.16 18.98
CA LEU C 25 -7.41 -0.09 17.61
C LEU C 25 -8.83 -0.66 17.56
N ARG C 26 -9.77 0.15 17.07
CA ARG C 26 -11.17 -0.22 17.02
C ARG C 26 -11.70 -0.04 15.61
N ASP C 27 -12.77 -0.77 15.30
CA ASP C 27 -13.47 -0.66 14.01
C ASP C 27 -12.52 -0.96 12.85
N SER C 28 -11.86 -2.12 12.93
CA SER C 28 -10.94 -2.53 11.89
C SER C 28 -10.77 -4.05 11.95
N ASN C 29 -10.57 -4.65 10.78
CA ASN C 29 -10.32 -6.07 10.68
C ASN C 29 -8.84 -6.42 10.78
N CYS C 30 -7.97 -5.43 10.73
CA CYS C 30 -6.53 -5.64 10.80
C CYS C 30 -6.06 -5.62 12.26
N GLY C 31 -4.93 -6.28 12.50
CA GLY C 31 -4.31 -6.30 13.80
C GLY C 31 -3.19 -5.28 13.89
N LEU C 32 -2.63 -5.16 15.09
CA LEU C 32 -1.55 -4.21 15.31
C LEU C 32 -0.32 -4.64 14.52
N SER C 33 0.48 -3.65 14.13
CA SER C 33 1.72 -3.90 13.41
C SER C 33 2.81 -2.96 13.88
N ARG C 34 2.81 -1.73 13.39
CA ARG C 34 3.77 -0.71 13.78
C ARG C 34 3.09 0.28 14.70
N THR C 35 3.68 0.51 15.87
CA THR C 35 3.13 1.42 16.87
C THR C 35 4.18 2.46 17.24
N PHE C 36 3.73 3.68 17.45
CA PHE C 36 4.63 4.78 17.79
C PHE C 36 3.96 5.67 18.83
N TRP C 37 4.80 6.47 19.49
CA TRP C 37 4.34 7.45 20.46
C TRP C 37 5.10 8.75 20.23
N TYR C 38 4.38 9.86 20.29
CA TYR C 38 4.95 11.17 20.02
C TYR C 38 4.72 12.08 21.22
N ARG C 39 5.55 13.12 21.32
CA ARG C 39 5.52 14.03 22.44
C ARG C 39 5.74 15.46 21.93
N THR C 40 4.97 16.39 22.47
CA THR C 40 5.12 17.80 22.15
C THR C 40 5.32 18.56 23.47
N LYS C 41 6.56 18.94 23.75
CA LYS C 41 6.88 19.67 24.96
C LYS C 41 6.44 21.12 24.82
N THR C 42 6.24 21.77 25.97
CA THR C 42 5.86 23.17 25.96
C THR C 42 6.96 24.00 25.31
N GLY C 43 6.59 24.76 24.28
CA GLY C 43 7.54 25.57 23.54
C GLY C 43 8.03 24.93 22.26
N SER C 44 7.91 23.61 22.13
CA SER C 44 8.41 22.92 20.95
C SER C 44 7.63 23.34 19.71
N THR C 45 8.24 23.08 18.54
CA THR C 45 7.62 23.36 17.26
C THR C 45 7.39 22.13 16.41
N ASN C 46 7.86 20.96 16.85
CA ASN C 46 7.69 19.73 16.09
C ASN C 46 7.69 18.56 17.07
N GLU C 47 6.57 17.84 17.10
CA GLU C 47 6.48 16.64 17.94
C GLU C 47 7.68 15.74 17.72
N GLU C 48 8.18 15.16 18.81
CA GLU C 48 9.34 14.28 18.79
C GLU C 48 8.93 12.86 19.13
N ARG C 49 9.45 11.91 18.37
CA ARG C 49 9.15 10.50 18.57
C ARG C 49 9.92 9.95 19.76
N ILE C 50 9.23 9.16 20.59
CA ILE C 50 9.81 8.56 21.78
C ILE C 50 10.44 7.22 21.41
N SER C 51 11.58 6.92 22.03
CA SER C 51 12.29 5.66 21.84
C SER C 51 12.11 4.79 23.08
N LYS C 52 11.92 3.49 22.87
CA LYS C 52 11.62 2.57 23.96
C LYS C 52 12.90 2.29 24.76
N GLY C 53 12.85 2.56 26.05
CA GLY C 53 13.95 2.20 26.92
C GLY C 53 13.89 2.95 28.24
N GLY C 54 14.69 2.47 29.18
CA GLY C 54 14.81 3.08 30.50
C GLY C 54 13.49 3.46 31.13
N ARG C 55 13.28 4.76 31.35
CA ARG C 55 12.07 5.26 31.98
C ARG C 55 10.87 5.25 31.04
N TYR C 56 11.10 5.07 29.73
CA TYR C 56 10.03 5.01 28.73
C TYR C 56 9.79 3.54 28.40
N VAL C 57 8.68 2.99 28.90
CA VAL C 57 8.39 1.57 28.79
C VAL C 57 7.16 1.41 27.91
N GLU C 58 7.36 0.87 26.71
CA GLU C 58 6.28 0.63 25.76
C GLU C 58 5.88 -0.83 25.77
N THR C 59 4.58 -1.08 25.63
CA THR C 59 4.05 -2.43 25.59
C THR C 59 3.04 -2.54 24.45
N VAL C 60 2.96 -3.72 23.86
CA VAL C 60 2.04 -4.01 22.76
C VAL C 60 1.34 -5.33 23.05
N ASN C 61 0.01 -5.33 22.97
CA ASN C 61 -0.81 -6.52 23.20
C ASN C 61 -1.56 -6.81 21.90
N SER C 62 -0.98 -7.68 21.08
CA SER C 62 -1.60 -8.00 19.80
C SER C 62 -2.96 -8.67 19.99
N GLY C 63 -3.13 -9.42 21.08
CA GLY C 63 -4.39 -10.11 21.31
C GLY C 63 -5.56 -9.16 21.47
N SER C 64 -5.38 -8.11 22.27
CA SER C 64 -6.42 -7.14 22.55
C SER C 64 -6.30 -5.89 21.69
N LYS C 65 -5.37 -5.85 20.75
CA LYS C 65 -5.18 -4.69 19.87
C LYS C 65 -4.95 -3.42 20.70
N SER C 66 -4.06 -3.52 21.68
CA SER C 66 -3.76 -2.42 22.58
C SER C 66 -2.26 -2.32 22.79
N PHE C 67 -1.76 -1.09 22.80
CA PHE C 67 -0.36 -0.81 23.09
C PHE C 67 -0.29 0.37 24.05
N SER C 68 0.68 0.31 24.97
CA SER C 68 0.77 1.25 26.08
C SER C 68 2.15 1.90 26.12
N LEU C 69 2.20 3.03 26.80
CA LEU C 69 3.44 3.75 27.10
C LEU C 69 3.44 4.12 28.57
N ARG C 70 4.49 3.73 29.29
CA ARG C 70 4.63 4.06 30.70
C ARG C 70 5.89 4.91 30.88
N ILE C 71 5.74 6.01 31.61
CA ILE C 71 6.84 6.92 31.92
C ILE C 71 7.03 6.95 33.42
N ASN C 72 8.24 6.62 33.87
CA ASN C 72 8.59 6.61 35.28
C ASN C 72 9.42 7.84 35.64
N ASP C 73 9.48 8.13 36.93
CA ASP C 73 10.25 9.26 37.46
C ASP C 73 9.92 10.55 36.69
N LEU C 74 8.66 10.94 36.78
CA LEU C 74 8.19 12.11 36.05
C LEU C 74 8.91 13.37 36.51
N THR C 75 8.96 14.36 35.62
CA THR C 75 9.56 15.65 35.90
C THR C 75 8.70 16.74 35.30
N VAL C 76 8.89 17.97 35.77
CA VAL C 76 8.12 19.10 35.26
C VAL C 76 8.35 19.27 33.77
N GLU C 77 9.55 18.93 33.29
CA GLU C 77 9.85 19.09 31.88
C GLU C 77 9.11 18.07 31.02
N ASP C 78 8.57 17.01 31.62
CA ASP C 78 7.83 15.99 30.89
C ASP C 78 6.40 16.42 30.55
N SER C 79 5.98 17.61 30.99
CA SER C 79 4.66 18.10 30.67
C SER C 79 4.54 18.36 29.16
N GLY C 80 3.34 18.16 28.65
CA GLY C 80 3.08 18.34 27.23
C GLY C 80 1.96 17.42 26.77
N THR C 81 1.90 17.22 25.47
CA THR C 81 0.88 16.39 24.84
C THR C 81 1.52 15.16 24.23
N TYR C 82 0.89 14.00 24.46
CA TYR C 82 1.38 12.72 23.96
C TYR C 82 0.31 12.10 23.07
N ARG C 83 0.72 11.59 21.91
CA ARG C 83 -0.18 10.98 20.96
C ARG C 83 0.44 9.71 20.40
N CYS C 84 -0.41 8.70 20.16
CA CYS C 84 0.03 7.41 19.64
C CYS C 84 -0.24 7.33 18.14
N ARG C 85 0.35 6.33 17.51
CA ARG C 85 0.19 6.13 16.07
C ARG C 85 0.26 4.64 15.76
N GLY C 86 -0.66 4.17 14.93
CA GLY C 86 -0.65 2.79 14.48
C GLY C 86 -0.85 2.69 12.99
N LYS C 87 0.10 2.06 12.30
CA LYS C 87 0.06 1.98 10.84
C LYS C 87 0.52 0.60 10.40
N SER C 88 0.03 0.18 9.23
CA SER C 88 0.42 -1.07 8.63
C SER C 88 0.34 -0.94 7.12
N TRP C 89 1.35 -1.46 6.43
CA TRP C 89 1.41 -1.43 4.97
C TRP C 89 0.95 -2.74 4.34
N TYR C 90 0.47 -3.69 5.15
CA TYR C 90 -0.07 -4.93 4.61
C TYR C 90 -1.13 -4.62 3.57
N TYR C 91 -0.89 -5.06 2.33
CA TYR C 91 -1.76 -4.66 1.23
C TYR C 91 -3.18 -5.17 1.41
N GLU C 92 -3.38 -6.24 2.19
CA GLU C 92 -4.73 -6.75 2.39
C GLU C 92 -5.49 -5.97 3.47
N CYS C 93 -4.78 -5.34 4.40
CA CYS C 93 -5.41 -4.56 5.46
C CYS C 93 -4.46 -3.46 5.92
N PRO C 94 -4.34 -2.38 5.13
CA PRO C 94 -3.47 -1.27 5.51
C PRO C 94 -4.23 -0.16 6.24
N TYR C 95 -3.53 0.59 7.10
CA TYR C 95 -4.15 1.67 7.83
C TYR C 95 -3.06 2.58 8.40
N ASP C 96 -3.48 3.77 8.84
CA ASP C 96 -2.57 4.74 9.45
C ASP C 96 -3.43 5.75 10.21
N VAL C 97 -3.54 5.57 11.52
CA VAL C 97 -4.44 6.36 12.34
C VAL C 97 -3.70 6.92 13.55
N TYR C 98 -4.17 8.07 14.03
CA TYR C 98 -3.58 8.75 15.17
C TYR C 98 -4.54 8.74 16.35
N GLY C 99 -3.98 8.91 17.55
CA GLY C 99 -4.77 8.95 18.75
C GLY C 99 -5.34 10.33 19.04
N GLY C 100 -6.36 10.35 19.90
CA GLY C 100 -6.97 11.62 20.27
C GLY C 100 -6.04 12.54 21.03
N GLY C 101 -5.05 11.98 21.73
CA GLY C 101 -4.08 12.77 22.45
C GLY C 101 -4.35 12.81 23.94
N THR C 102 -3.30 13.10 24.70
CA THR C 102 -3.38 13.21 26.14
C THR C 102 -2.52 14.38 26.60
N VAL C 103 -3.12 15.34 27.29
CA VAL C 103 -2.41 16.49 27.83
C VAL C 103 -1.94 16.16 29.24
N VAL C 104 -0.64 16.32 29.47
CA VAL C 104 -0.01 15.95 30.73
C VAL C 104 0.50 17.20 31.43
N THR C 105 0.24 17.30 32.73
CA THR C 105 0.69 18.41 33.56
C THR C 105 1.36 17.85 34.79
N VAL C 106 2.66 18.11 34.93
CA VAL C 106 3.46 17.61 36.05
C VAL C 106 3.77 18.80 36.96
N ASN C 107 3.32 18.72 38.21
CA ASN C 107 3.54 19.77 39.20
C ASN C 107 4.54 19.28 40.24
N SER C 108 4.82 20.15 41.20
CA SER C 108 5.75 19.84 42.28
C SER C 108 5.31 20.51 43.58
N ALA D 1 -36.88 -1.96 14.74
CA ALA D 1 -37.96 -1.36 13.98
C ALA D 1 -37.53 -0.01 13.40
N ALA D 2 -36.55 -0.06 12.50
CA ALA D 2 -36.01 1.14 11.86
C ALA D 2 -34.89 0.73 10.92
N ARG D 3 -35.16 0.66 9.62
CA ARG D 3 -34.19 0.12 8.69
C ARG D 3 -33.92 1.04 7.51
N VAL D 4 -33.61 0.47 6.35
CA VAL D 4 -33.39 1.21 5.11
C VAL D 4 -33.51 0.23 3.96
N ASP D 5 -34.38 0.52 2.99
CA ASP D 5 -34.65 -0.39 1.88
C ASP D 5 -33.81 0.05 0.69
N GLN D 6 -32.78 -0.74 0.37
CA GLN D 6 -31.91 -0.47 -0.76
C GLN D 6 -32.37 -1.23 -1.99
N THR D 7 -32.42 -0.55 -3.13
CA THR D 7 -32.82 -1.15 -4.39
C THR D 7 -32.00 -0.52 -5.50
N PRO D 8 -31.69 -1.27 -6.57
CA PRO D 8 -32.02 -2.68 -6.82
C PRO D 8 -31.04 -3.62 -6.13
N GLN D 9 -31.29 -4.93 -6.18
CA GLN D 9 -30.41 -5.90 -5.55
C GLN D 9 -29.25 -6.32 -6.44
N THR D 10 -29.45 -6.34 -7.76
CA THR D 10 -28.40 -6.70 -8.71
C THR D 10 -28.44 -5.74 -9.89
N ILE D 11 -27.26 -5.43 -10.42
CA ILE D 11 -27.13 -4.54 -11.56
C ILE D 11 -26.08 -5.11 -12.51
N THR D 12 -26.39 -5.12 -13.80
CA THR D 12 -25.45 -5.52 -14.84
C THR D 12 -25.48 -4.45 -15.93
N LYS D 13 -24.32 -3.89 -16.23
CA LYS D 13 -24.21 -2.80 -17.19
C LYS D 13 -22.97 -2.99 -18.05
N GLU D 14 -22.89 -2.23 -19.12
CA GLU D 14 -21.74 -2.20 -20.00
C GLU D 14 -20.91 -0.94 -19.73
N THR D 15 -19.67 -0.95 -20.21
CA THR D 15 -18.79 0.19 -20.01
C THR D 15 -19.40 1.43 -20.64
N GLY D 16 -19.23 2.57 -19.96
CA GLY D 16 -19.70 3.84 -20.47
C GLY D 16 -21.08 4.23 -20.03
N GLU D 17 -21.91 3.27 -19.62
CA GLU D 17 -23.28 3.54 -19.22
C GLU D 17 -23.29 4.01 -17.76
N SER D 18 -24.49 4.18 -17.21
CA SER D 18 -24.67 4.67 -15.85
C SER D 18 -25.67 3.79 -15.11
N LEU D 19 -25.59 3.84 -13.78
CA LEU D 19 -26.51 3.11 -12.92
C LEU D 19 -26.91 4.02 -11.77
N MET D 20 -27.85 3.54 -10.96
CA MET D 20 -28.34 4.33 -9.83
C MET D 20 -28.89 3.40 -8.76
N PHE D 21 -28.41 3.56 -7.53
CA PHE D 21 -28.98 2.90 -6.36
C PHE D 21 -29.96 3.86 -5.67
N THR D 22 -30.77 3.29 -4.78
CA THR D 22 -31.74 4.10 -4.04
C THR D 22 -31.98 3.45 -2.68
N CYS D 23 -31.93 4.26 -1.63
CA CYS D 23 -32.19 3.83 -0.26
C CYS D 23 -33.30 4.68 0.34
N VAL D 24 -34.19 4.04 1.10
CA VAL D 24 -35.33 4.71 1.71
C VAL D 24 -35.42 4.29 3.17
N LEU D 25 -35.49 5.27 4.06
CA LEU D 25 -35.64 4.99 5.49
C LEU D 25 -37.09 4.66 5.79
N ARG D 26 -37.34 3.49 6.37
CA ARG D 26 -38.68 3.01 6.64
C ARG D 26 -38.80 2.60 8.10
N ASP D 27 -40.05 2.62 8.59
CA ASP D 27 -40.37 2.18 9.94
C ASP D 27 -39.59 2.99 10.98
N SER D 28 -39.69 4.32 10.86
CA SER D 28 -39.02 5.22 11.78
C SER D 28 -39.71 6.57 11.75
N ASN D 29 -39.70 7.23 12.90
CA ASN D 29 -40.26 8.57 13.02
C ASN D 29 -39.25 9.67 12.70
N CYS D 30 -37.98 9.32 12.55
CA CYS D 30 -36.94 10.29 12.25
C CYS D 30 -36.77 10.50 10.76
N GLY D 31 -36.26 11.67 10.40
CA GLY D 31 -35.94 11.98 9.03
C GLY D 31 -34.46 11.80 8.76
N LEU D 32 -34.09 11.95 7.49
CA LEU D 32 -32.70 11.81 7.10
C LEU D 32 -31.86 12.93 7.70
N SER D 33 -30.58 12.63 7.92
CA SER D 33 -29.64 13.60 8.46
C SER D 33 -28.30 13.46 7.75
N ARG D 34 -27.50 12.46 8.14
CA ARG D 34 -26.22 12.17 7.52
C ARG D 34 -26.36 10.92 6.67
N THR D 35 -25.93 11.02 5.41
CA THR D 35 -26.04 9.93 4.45
C THR D 35 -24.65 9.62 3.88
N PHE D 36 -24.37 8.34 3.67
CA PHE D 36 -23.09 7.90 3.15
C PHE D 36 -23.30 6.75 2.19
N TRP D 37 -22.28 6.52 1.36
CA TRP D 37 -22.26 5.41 0.42
C TRP D 37 -20.88 4.77 0.45
N TYR D 38 -20.85 3.44 0.41
CA TYR D 38 -19.62 2.68 0.53
C TYR D 38 -19.45 1.76 -0.67
N ARG D 39 -18.20 1.36 -0.92
CA ARG D 39 -17.84 0.57 -2.09
C ARG D 39 -16.87 -0.52 -1.67
N THR D 40 -17.11 -1.73 -2.18
CA THR D 40 -16.27 -2.89 -1.92
C THR D 40 -15.85 -3.51 -3.24
N LYS D 41 -14.58 -3.33 -3.63
CA LYS D 41 -14.10 -3.87 -4.89
C LYS D 41 -13.92 -5.39 -4.80
N THR D 42 -13.94 -6.02 -5.96
CA THR D 42 -13.76 -7.47 -6.04
C THR D 42 -12.40 -7.89 -5.51
N GLY D 43 -12.39 -8.84 -4.58
CA GLY D 43 -11.18 -9.35 -3.97
C GLY D 43 -10.89 -8.75 -2.60
N SER D 44 -11.38 -7.57 -2.32
CA SER D 44 -11.15 -6.92 -1.03
C SER D 44 -12.19 -7.37 -0.01
N THR D 45 -11.87 -7.14 1.27
CA THR D 45 -12.78 -7.40 2.37
C THR D 45 -12.96 -6.17 3.25
N ASN D 46 -12.60 -4.99 2.73
CA ASN D 46 -12.65 -3.73 3.50
C ASN D 46 -13.62 -2.76 2.82
N GLU D 47 -14.31 -1.93 3.59
CA GLU D 47 -15.24 -0.94 3.07
C GLU D 47 -14.51 0.34 2.70
N GLU D 48 -14.87 0.91 1.55
CA GLU D 48 -14.32 2.17 1.08
C GLU D 48 -15.45 3.18 0.99
N ARG D 49 -15.22 4.38 1.53
CA ARG D 49 -16.22 5.43 1.46
C ARG D 49 -16.18 6.11 0.10
N ILE D 50 -17.35 6.35 -0.47
CA ILE D 50 -17.47 7.01 -1.75
C ILE D 50 -17.50 8.52 -1.52
N SER D 51 -16.84 9.26 -2.39
CA SER D 51 -16.79 10.71 -2.31
C SER D 51 -17.67 11.32 -3.40
N LYS D 52 -18.43 12.35 -3.03
CA LYS D 52 -19.29 13.04 -3.98
C LYS D 52 -18.44 13.75 -5.04
N GLY D 53 -19.06 13.99 -6.19
CA GLY D 53 -18.47 14.78 -7.24
C GLY D 53 -18.32 14.02 -8.54
N GLY D 54 -18.05 14.78 -9.60
CA GLY D 54 -17.86 14.25 -10.93
C GLY D 54 -18.89 13.22 -11.33
N ARG D 55 -18.42 11.99 -11.59
CA ARG D 55 -19.31 10.92 -12.01
C ARG D 55 -20.13 10.32 -10.87
N TYR D 56 -19.80 10.62 -9.62
CA TYR D 56 -20.52 10.11 -8.47
C TYR D 56 -21.48 11.19 -7.98
N VAL D 57 -22.79 11.02 -8.24
CA VAL D 57 -23.81 12.06 -7.93
C VAL D 57 -24.74 11.59 -6.82
N GLU D 58 -24.53 12.07 -5.59
CA GLU D 58 -25.35 11.65 -4.42
C GLU D 58 -26.44 12.70 -4.20
N THR D 59 -27.70 12.27 -4.12
CA THR D 59 -28.88 13.16 -3.94
C THR D 59 -29.63 12.74 -2.68
N VAL D 60 -30.37 13.64 -2.02
CA VAL D 60 -31.16 13.35 -0.83
C VAL D 60 -32.48 14.11 -0.93
N ASN D 61 -33.58 13.40 -0.73
CA ASN D 61 -34.93 13.97 -0.73
C ASN D 61 -35.51 13.74 0.65
N SER D 62 -35.39 14.74 1.53
CA SER D 62 -35.89 14.59 2.89
C SER D 62 -37.40 14.38 2.93
N GLY D 63 -38.13 14.93 1.95
CA GLY D 63 -39.58 14.80 1.96
C GLY D 63 -40.02 13.35 1.89
N SER D 64 -39.41 12.58 1.00
CA SER D 64 -39.75 11.18 0.81
C SER D 64 -38.80 10.24 1.54
N LYS D 65 -37.88 10.77 2.35
CA LYS D 65 -36.93 9.97 3.11
C LYS D 65 -36.14 9.03 2.20
N SER D 66 -35.61 9.60 1.11
CA SER D 66 -34.89 8.81 0.11
C SER D 66 -33.62 9.54 -0.30
N PHE D 67 -32.53 8.78 -0.45
CA PHE D 67 -31.27 9.29 -0.96
C PHE D 67 -30.74 8.30 -1.97
N SER D 68 -30.17 8.82 -3.06
CA SER D 68 -29.75 8.01 -4.19
C SER D 68 -28.30 8.31 -4.53
N LEU D 69 -27.68 7.38 -5.25
CA LEU D 69 -26.34 7.54 -5.78
C LEU D 69 -26.34 7.09 -7.24
N ARG D 70 -25.87 7.98 -8.13
CA ARG D 70 -25.76 7.67 -9.55
C ARG D 70 -24.30 7.73 -9.95
N ILE D 71 -23.85 6.71 -10.68
CA ILE D 71 -22.48 6.63 -11.18
C ILE D 71 -22.53 6.65 -12.69
N ASN D 72 -21.83 7.62 -13.29
CA ASN D 72 -21.77 7.77 -14.73
C ASN D 72 -20.42 7.30 -15.26
N ASP D 73 -20.38 7.07 -16.57
CA ASP D 73 -19.17 6.61 -17.25
C ASP D 73 -18.60 5.38 -16.53
N LEU D 74 -19.40 4.33 -16.51
CA LEU D 74 -19.03 3.11 -15.80
C LEU D 74 -17.80 2.47 -16.44
N THR D 75 -17.07 1.71 -15.62
CA THR D 75 -15.89 0.99 -16.06
C THR D 75 -15.89 -0.40 -15.43
N VAL D 76 -15.08 -1.29 -16.00
CA VAL D 76 -14.99 -2.65 -15.48
C VAL D 76 -14.52 -2.62 -14.03
N GLU D 77 -13.71 -1.63 -13.66
CA GLU D 77 -13.20 -1.53 -12.29
C GLU D 77 -14.28 -1.14 -11.29
N ASP D 78 -15.42 -0.64 -11.75
CA ASP D 78 -16.51 -0.26 -10.85
C ASP D 78 -17.30 -1.46 -10.34
N SER D 79 -16.97 -2.67 -10.77
CA SER D 79 -17.66 -3.86 -10.29
C SER D 79 -17.37 -4.05 -8.80
N GLY D 80 -18.35 -4.57 -8.09
CA GLY D 80 -18.24 -4.79 -6.66
C GLY D 80 -19.59 -4.68 -5.99
N THR D 81 -19.56 -4.46 -4.69
CA THR D 81 -20.77 -4.35 -3.88
C THR D 81 -20.89 -2.93 -3.33
N TYR D 82 -22.09 -2.38 -3.42
CA TYR D 82 -22.39 -1.03 -2.94
C TYR D 82 -23.50 -1.10 -1.91
N ARG D 83 -23.30 -0.45 -0.76
CA ARG D 83 -24.30 -0.42 0.29
C ARG D 83 -24.34 0.98 0.89
N CYS D 84 -25.53 1.41 1.27
CA CYS D 84 -25.76 2.75 1.80
C CYS D 84 -25.82 2.72 3.33
N ARG D 85 -25.77 3.91 3.91
CA ARG D 85 -25.78 4.07 5.36
C ARG D 85 -26.48 5.36 5.72
N GLY D 86 -27.35 5.31 6.74
CA GLY D 86 -28.02 6.49 7.25
C GLY D 86 -27.97 6.57 8.77
N LYS D 87 -27.42 7.65 9.31
CA LYS D 87 -27.20 7.79 10.74
C LYS D 87 -27.62 9.20 11.16
N SER D 88 -28.07 9.31 12.40
CA SER D 88 -28.38 10.61 12.99
C SER D 88 -28.08 10.52 14.47
N TRP D 89 -27.41 11.54 15.00
CA TRP D 89 -27.05 11.59 16.40
C TRP D 89 -28.02 12.44 17.22
N TYR D 90 -29.10 12.91 16.60
CA TYR D 90 -30.10 13.70 17.30
C TYR D 90 -30.54 12.98 18.57
N TYR D 91 -30.34 13.64 19.72
CA TYR D 91 -30.54 13.00 21.01
C TYR D 91 -31.97 12.54 21.23
N GLU D 92 -32.94 13.11 20.52
CA GLU D 92 -34.33 12.69 20.74
C GLU D 92 -34.68 11.41 20.00
N CYS D 93 -34.03 11.14 18.87
CA CYS D 93 -34.29 9.91 18.13
C CYS D 93 -33.09 9.57 17.25
N PRO D 94 -32.05 8.95 17.81
CA PRO D 94 -30.87 8.60 17.00
C PRO D 94 -30.97 7.21 16.40
N TYR D 95 -30.25 7.02 15.30
CA TYR D 95 -30.26 5.75 14.59
C TYR D 95 -29.04 5.67 13.70
N ASP D 96 -28.75 4.45 13.23
CA ASP D 96 -27.62 4.21 12.34
C ASP D 96 -27.85 2.86 11.67
N VAL D 97 -28.27 2.89 10.40
CA VAL D 97 -28.67 1.69 9.68
C VAL D 97 -27.94 1.64 8.35
N TYR D 98 -27.70 0.41 7.87
CA TYR D 98 -27.02 0.16 6.62
C TYR D 98 -27.97 -0.49 5.62
N GLY D 99 -27.62 -0.37 4.34
CA GLY D 99 -28.43 -0.94 3.29
C GLY D 99 -28.11 -2.42 3.05
N GLY D 100 -29.05 -3.09 2.38
CA GLY D 100 -28.87 -4.50 2.08
C GLY D 100 -27.73 -4.77 1.14
N GLY D 101 -27.39 -3.80 0.30
CA GLY D 101 -26.30 -3.95 -0.64
C GLY D 101 -26.79 -4.21 -2.05
N THR D 102 -25.93 -3.89 -3.01
CA THR D 102 -26.23 -4.09 -4.43
C THR D 102 -24.98 -4.61 -5.12
N VAL D 103 -25.09 -5.77 -5.77
CA VAL D 103 -23.98 -6.37 -6.51
C VAL D 103 -24.00 -5.84 -7.94
N VAL D 104 -22.87 -5.27 -8.38
CA VAL D 104 -22.76 -4.64 -9.68
C VAL D 104 -21.74 -5.42 -10.50
N THR D 105 -22.09 -5.67 -11.77
CA THR D 105 -21.20 -6.35 -12.71
C THR D 105 -21.14 -5.53 -13.98
N VAL D 106 -19.97 -5.00 -14.30
CA VAL D 106 -19.77 -4.14 -15.45
C VAL D 106 -18.98 -4.94 -16.50
N ASN D 107 -19.59 -5.13 -17.66
CA ASN D 107 -18.99 -5.88 -18.76
C ASN D 107 -18.60 -4.91 -19.88
N SER D 108 -18.07 -5.47 -20.96
CA SER D 108 -17.64 -4.68 -22.12
C SER D 108 -17.92 -5.48 -23.38
N GLY D 109 -18.59 -4.86 -24.34
CA GLY D 109 -18.95 -5.52 -25.58
C GLY D 109 -19.90 -6.69 -25.37
N ALA E 1 11.67 11.62 4.49
CA ALA E 1 11.61 12.02 3.09
C ALA E 1 10.39 12.90 2.83
N ALA E 2 9.30 12.30 2.36
CA ALA E 2 8.07 13.04 2.14
C ALA E 2 7.58 13.64 3.44
N ARG E 3 6.96 14.82 3.35
CA ARG E 3 6.56 15.57 4.51
C ARG E 3 5.32 16.39 4.17
N VAL E 4 4.77 17.06 5.19
CA VAL E 4 3.62 17.93 5.01
C VAL E 4 3.61 18.93 6.17
N ASP E 5 3.62 20.22 5.84
CA ASP E 5 3.71 21.28 6.83
C ASP E 5 2.31 21.82 7.11
N GLN E 6 1.79 21.54 8.29
CA GLN E 6 0.49 22.04 8.70
C GLN E 6 0.69 23.34 9.47
N THR E 7 -0.12 24.35 9.13
CA THR E 7 -0.02 25.66 9.77
C THR E 7 -1.41 26.26 9.88
N PRO E 8 -1.69 27.03 10.94
CA PRO E 8 -0.82 27.35 12.08
C PRO E 8 -0.82 26.25 13.14
N GLN E 9 0.04 26.37 14.15
CA GLN E 9 0.10 25.36 15.21
C GLN E 9 -0.89 25.64 16.33
N THR E 10 -1.19 26.91 16.59
CA THR E 10 -2.14 27.31 17.61
C THR E 10 -3.04 28.39 17.05
N ILE E 11 -4.33 28.34 17.41
CA ILE E 11 -5.32 29.31 16.97
C ILE E 11 -6.26 29.61 18.12
N THR E 12 -6.56 30.89 18.31
CA THR E 12 -7.54 31.34 19.28
C THR E 12 -8.48 32.31 18.58
N LYS E 13 -9.78 32.01 18.61
CA LYS E 13 -10.78 32.82 17.90
C LYS E 13 -12.02 32.97 18.78
N GLU E 14 -12.89 33.88 18.38
CA GLU E 14 -14.16 34.12 19.03
C GLU E 14 -15.30 33.49 18.24
N THR E 15 -16.45 33.34 18.91
CA THR E 15 -17.61 32.75 18.26
C THR E 15 -18.07 33.58 17.06
N GLY E 16 -18.51 32.89 16.02
CA GLY E 16 -19.09 33.51 14.85
C GLY E 16 -18.13 33.81 13.72
N GLU E 17 -16.84 33.98 14.00
CA GLU E 17 -15.88 34.28 12.95
C GLU E 17 -15.42 32.97 12.31
N SER E 18 -14.38 33.05 11.47
CA SER E 18 -13.91 31.89 10.73
C SER E 18 -12.39 31.77 10.88
N LEU E 19 -11.90 30.55 10.63
CA LEU E 19 -10.47 30.25 10.68
C LEU E 19 -10.14 29.39 9.46
N MET E 20 -8.84 29.13 9.29
CA MET E 20 -8.39 28.35 8.14
C MET E 20 -7.06 27.68 8.45
N PHE E 21 -7.00 26.37 8.24
CA PHE E 21 -5.75 25.61 8.30
C PHE E 21 -5.18 25.46 6.90
N THR E 22 -3.91 25.07 6.84
CA THR E 22 -3.24 24.87 5.56
C THR E 22 -2.15 23.82 5.70
N CYS E 23 -2.11 22.88 4.76
CA CYS E 23 -1.08 21.85 4.70
C CYS E 23 -0.40 21.93 3.33
N VAL E 24 0.91 21.74 3.33
CA VAL E 24 1.72 21.84 2.11
C VAL E 24 2.64 20.63 2.05
N LEU E 25 2.62 19.92 0.92
CA LEU E 25 3.48 18.76 0.72
C LEU E 25 4.88 19.22 0.35
N ARG E 26 5.88 18.79 1.13
CA ARG E 26 7.26 19.19 0.93
C ARG E 26 8.15 17.97 0.88
N ASP E 27 9.31 18.14 0.22
CA ASP E 27 10.33 17.10 0.13
C ASP E 27 9.78 15.83 -0.53
N SER E 28 9.15 16.01 -1.69
CA SER E 28 8.62 14.89 -2.44
C SER E 28 8.42 15.34 -3.88
N ASN E 29 8.63 14.40 -4.81
CA ASN E 29 8.42 14.68 -6.22
C ASN E 29 6.99 14.39 -6.67
N CYS E 30 6.17 13.77 -5.83
CA CYS E 30 4.81 13.44 -6.20
C CYS E 30 3.87 14.60 -5.88
N GLY E 31 2.75 14.65 -6.60
CA GLY E 31 1.74 15.65 -6.39
C GLY E 31 0.59 15.14 -5.53
N LEU E 32 -0.32 16.06 -5.22
CA LEU E 32 -1.46 15.72 -4.40
C LEU E 32 -2.38 14.74 -5.12
N SER E 33 -3.08 13.93 -4.33
CA SER E 33 -4.03 12.96 -4.86
C SER E 33 -5.26 12.91 -3.98
N ARG E 34 -5.17 12.18 -2.86
CA ARG E 34 -6.25 12.08 -1.89
C ARG E 34 -5.89 12.91 -0.67
N THR E 35 -6.80 13.79 -0.26
CA THR E 35 -6.60 14.67 0.88
C THR E 35 -7.74 14.50 1.86
N PHE E 36 -7.41 14.54 3.16
CA PHE E 36 -8.39 14.37 4.22
C PHE E 36 -8.08 15.32 5.36
N TRP E 37 -9.07 15.52 6.22
CA TRP E 37 -8.91 16.34 7.41
C TRP E 37 -9.57 15.62 8.58
N TYR E 38 -8.90 15.65 9.73
CA TYR E 38 -9.38 14.97 10.93
C TYR E 38 -9.48 15.97 12.08
N ARG E 39 -10.37 15.67 13.02
CA ARG E 39 -10.63 16.54 14.15
C ARG E 39 -10.91 15.69 15.38
N THR E 40 -10.38 16.13 16.52
CA THR E 40 -10.64 15.49 17.81
C THR E 40 -11.23 16.55 18.72
N LYS E 41 -12.54 16.47 18.96
CA LYS E 41 -13.21 17.42 19.83
C LYS E 41 -12.88 17.11 21.29
N THR E 42 -13.03 18.12 22.13
CA THR E 42 -12.78 17.93 23.55
C THR E 42 -13.75 16.89 24.09
N GLY E 43 -13.21 15.86 24.74
CA GLY E 43 -13.99 14.77 25.26
C GLY E 43 -13.98 13.53 24.38
N SER E 44 -13.39 13.61 23.20
CA SER E 44 -13.25 12.46 22.31
C SER E 44 -11.88 11.84 22.46
N THR E 45 -11.79 10.54 22.18
CA THR E 45 -10.57 9.77 22.38
C THR E 45 -9.88 9.40 21.07
N ASN E 46 -10.42 9.78 19.92
CA ASN E 46 -9.86 9.40 18.63
C ASN E 46 -10.02 10.56 17.66
N GLU E 47 -9.48 10.37 16.45
CA GLU E 47 -9.64 11.33 15.37
C GLU E 47 -10.81 10.92 14.49
N GLU E 48 -11.62 11.91 14.10
CA GLU E 48 -12.78 11.69 13.24
C GLU E 48 -12.58 12.44 11.94
N ARG E 49 -12.91 11.79 10.83
CA ARG E 49 -12.78 12.42 9.52
C ARG E 49 -13.92 13.39 9.29
N ILE E 50 -13.57 14.56 8.74
CA ILE E 50 -14.53 15.62 8.45
C ILE E 50 -15.12 15.40 7.05
N SER E 51 -16.39 15.74 6.90
CA SER E 51 -17.09 15.63 5.63
C SER E 51 -17.24 17.01 5.03
N LYS E 52 -16.62 17.22 3.87
CA LYS E 52 -16.61 18.54 3.24
C LYS E 52 -18.02 19.00 2.91
N GLY E 53 -18.17 20.31 2.84
CA GLY E 53 -19.44 20.93 2.47
C GLY E 53 -19.93 21.90 3.54
N GLY E 54 -20.94 22.67 3.14
CA GLY E 54 -21.58 23.63 4.02
C GLY E 54 -20.61 24.49 4.81
N ARG E 55 -20.60 24.30 6.14
CA ARG E 55 -19.78 25.13 7.01
C ARG E 55 -18.30 24.79 6.91
N TYR E 56 -17.96 23.61 6.38
CA TYR E 56 -16.57 23.19 6.22
C TYR E 56 -16.18 23.33 4.74
N VAL E 57 -15.37 24.33 4.44
CA VAL E 57 -14.92 24.61 3.08
C VAL E 57 -13.53 24.01 2.91
N GLU E 58 -13.39 23.13 1.92
CA GLU E 58 -12.11 22.51 1.59
C GLU E 58 -11.66 22.93 0.20
N THR E 59 -10.37 23.20 0.06
CA THR E 59 -9.79 23.58 -1.22
C THR E 59 -8.48 22.83 -1.42
N VAL E 60 -8.18 22.53 -2.68
CA VAL E 60 -6.96 21.83 -3.06
C VAL E 60 -6.31 22.56 -4.22
N ASN E 61 -5.03 22.87 -4.09
CA ASN E 61 -4.25 23.55 -5.14
C ASN E 61 -3.13 22.62 -5.57
N SER E 62 -3.36 21.85 -6.63
CA SER E 62 -2.35 20.92 -7.11
C SER E 62 -1.09 21.65 -7.55
N GLY E 63 -1.24 22.88 -8.06
CA GLY E 63 -0.08 23.61 -8.53
C GLY E 63 0.93 23.88 -7.43
N SER E 64 0.45 24.33 -6.28
CA SER E 64 1.32 24.65 -5.14
C SER E 64 1.40 23.53 -4.12
N LYS E 65 0.78 22.38 -4.41
CA LYS E 65 0.81 21.22 -3.50
C LYS E 65 0.33 21.62 -2.11
N SER E 66 -0.80 22.32 -2.07
CA SER E 66 -1.37 22.82 -0.82
C SER E 66 -2.88 22.59 -0.83
N PHE E 67 -3.40 22.17 0.32
CA PHE E 67 -4.83 22.02 0.51
C PHE E 67 -5.21 22.62 1.87
N SER E 68 -6.37 23.27 1.92
CA SER E 68 -6.78 24.04 3.08
C SER E 68 -8.16 23.61 3.53
N LEU E 69 -8.48 23.94 4.79
CA LEU E 69 -9.80 23.73 5.36
C LEU E 69 -10.22 25.02 6.06
N ARG E 70 -11.39 25.53 5.69
CA ARG E 70 -11.95 26.74 6.28
C ARG E 70 -13.27 26.41 6.95
N ILE E 71 -13.45 26.89 8.18
CA ILE E 71 -14.68 26.70 8.94
C ILE E 71 -15.27 28.07 9.22
N ASN E 72 -16.52 28.28 8.83
CA ASN E 72 -17.22 29.53 9.03
C ASN E 72 -18.21 29.40 10.19
N ASP E 73 -18.63 30.56 10.70
CA ASP E 73 -19.58 30.62 11.81
C ASP E 73 -19.11 29.73 12.96
N LEU E 74 -17.96 30.08 13.52
CA LEU E 74 -17.35 29.28 14.57
C LEU E 74 -18.25 29.23 15.80
N THR E 75 -18.08 28.16 16.58
CA THR E 75 -18.82 27.98 17.83
C THR E 75 -17.87 27.44 18.89
N VAL E 76 -18.29 27.58 20.15
CA VAL E 76 -17.46 27.10 21.26
C VAL E 76 -17.24 25.60 21.17
N GLU E 77 -18.22 24.86 20.63
CA GLU E 77 -18.10 23.40 20.55
C GLU E 77 -17.06 22.96 19.52
N ASP E 78 -16.65 23.85 18.62
CA ASP E 78 -15.67 23.51 17.59
C ASP E 78 -14.24 23.46 18.13
N SER E 79 -14.03 23.75 19.41
CA SER E 79 -12.69 23.70 19.98
C SER E 79 -12.15 22.27 19.96
N GLY E 80 -10.85 22.16 19.77
CA GLY E 80 -10.18 20.88 19.70
C GLY E 80 -8.97 20.97 18.81
N THR E 81 -8.48 19.81 18.37
CA THR E 81 -7.30 19.70 17.54
C THR E 81 -7.68 19.16 16.16
N TYR E 82 -7.12 19.77 15.11
CA TYR E 82 -7.39 19.41 13.73
C TYR E 82 -6.09 19.01 13.06
N ARG E 83 -6.12 17.90 12.31
CA ARG E 83 -4.95 17.40 11.62
C ARG E 83 -5.33 16.93 10.23
N CYS E 84 -4.44 17.17 9.26
CA CYS E 84 -4.67 16.84 7.87
C CYS E 84 -3.96 15.55 7.48
N ARG E 85 -4.32 15.03 6.31
CA ARG E 85 -3.75 13.78 5.81
C ARG E 85 -3.68 13.83 4.29
N GLY E 86 -2.54 13.40 3.75
CA GLY E 86 -2.34 13.32 2.31
C GLY E 86 -1.71 12.01 1.91
N LYS E 87 -2.37 11.27 1.00
CA LYS E 87 -1.92 9.94 0.62
C LYS E 87 -2.09 9.74 -0.88
N SER E 88 -1.24 8.87 -1.43
CA SER E 88 -1.32 8.48 -2.84
C SER E 88 -0.85 7.04 -2.97
N TRP E 89 -1.59 6.25 -3.75
CA TRP E 89 -1.26 4.86 -3.98
C TRP E 89 -0.56 4.62 -5.31
N TYR E 90 -0.24 5.68 -6.05
CA TYR E 90 0.49 5.54 -7.31
C TYR E 90 1.76 4.73 -7.10
N TYR E 91 1.88 3.61 -7.82
CA TYR E 91 2.98 2.69 -7.60
C TYR E 91 4.34 3.32 -7.88
N GLU E 92 4.40 4.39 -8.68
CA GLU E 92 5.67 5.03 -8.97
C GLU E 92 6.11 5.97 -7.86
N CYS E 93 5.17 6.55 -7.12
CA CYS E 93 5.49 7.45 -6.00
C CYS E 93 4.34 7.45 -5.01
N PRO E 94 4.24 6.42 -4.18
CA PRO E 94 3.19 6.37 -3.17
C PRO E 94 3.64 6.93 -1.84
N TYR E 95 2.68 7.44 -1.08
CA TYR E 95 2.98 8.04 0.22
C TYR E 95 1.70 8.13 1.04
N ASP E 96 1.89 8.39 2.34
CA ASP E 96 0.78 8.55 3.27
C ASP E 96 1.34 9.29 4.48
N VAL E 97 1.07 10.59 4.55
CA VAL E 97 1.65 11.47 5.56
C VAL E 97 0.54 12.25 6.25
N TYR E 98 0.78 12.56 7.53
CA TYR E 98 -0.15 13.30 8.37
C TYR E 98 0.43 14.67 8.71
N GLY E 99 -0.46 15.59 9.08
CA GLY E 99 -0.03 16.91 9.47
C GLY E 99 0.40 16.98 10.92
N GLY E 100 1.15 18.05 11.24
CA GLY E 100 1.61 18.24 12.60
C GLY E 100 0.50 18.51 13.58
N GLY E 101 -0.63 19.04 13.11
CA GLY E 101 -1.77 19.32 13.95
C GLY E 101 -1.89 20.79 14.31
N THR E 102 -3.11 21.19 14.65
CA THR E 102 -3.41 22.57 15.05
C THR E 102 -4.39 22.54 16.20
N VAL E 103 -4.03 23.16 17.31
CA VAL E 103 -4.89 23.25 18.48
C VAL E 103 -5.76 24.50 18.35
N VAL E 104 -7.07 24.31 18.44
CA VAL E 104 -8.04 25.38 18.24
C VAL E 104 -8.78 25.63 19.54
N THR E 105 -8.91 26.90 19.92
CA THR E 105 -9.64 27.31 21.12
C THR E 105 -10.61 28.42 20.72
N VAL E 106 -11.90 28.16 20.87
CA VAL E 106 -12.95 29.10 20.50
C VAL E 106 -13.56 29.67 21.77
N ASN E 107 -13.43 30.98 21.95
CA ASN E 107 -13.97 31.70 23.11
C ASN E 107 -15.16 32.54 22.67
N SER E 108 -15.73 33.27 23.64
CA SER E 108 -16.87 34.14 23.39
C SER E 108 -16.75 35.37 24.27
N GLY E 109 -16.65 36.54 23.65
CA GLY E 109 -16.51 37.79 24.37
C GLY E 109 -15.06 38.20 24.54
N ALA F 1 6.59 -0.55 -17.14
CA ALA F 1 6.51 -1.12 -15.79
C ALA F 1 7.49 -2.28 -15.64
N ALA F 2 7.61 -2.80 -14.42
CA ALA F 2 8.52 -3.90 -14.16
C ALA F 2 8.03 -5.17 -14.84
N ARG F 3 8.96 -5.89 -15.46
CA ARG F 3 8.67 -7.18 -16.07
C ARG F 3 9.75 -8.17 -15.63
N VAL F 4 9.88 -9.27 -16.37
CA VAL F 4 10.88 -10.29 -16.11
C VAL F 4 11.11 -11.07 -17.38
N ASP F 5 12.37 -11.14 -17.82
CA ASP F 5 12.73 -11.81 -19.06
C ASP F 5 13.19 -13.23 -18.71
N GLN F 6 12.37 -14.21 -19.06
CA GLN F 6 12.69 -15.61 -18.83
C GLN F 6 13.34 -16.20 -20.06
N THR F 7 14.43 -16.95 -19.85
CA THR F 7 15.16 -17.58 -20.93
C THR F 7 15.69 -18.93 -20.46
N PRO F 8 15.78 -19.91 -21.36
CA PRO F 8 15.38 -19.87 -22.78
C PRO F 8 13.88 -20.06 -22.95
N GLN F 9 13.36 -19.92 -24.17
CA GLN F 9 11.93 -20.07 -24.39
C GLN F 9 11.52 -21.51 -24.65
N THR F 10 12.40 -22.31 -25.25
CA THR F 10 12.13 -23.72 -25.51
C THR F 10 13.36 -24.54 -25.16
N ILE F 11 13.13 -25.73 -24.61
CA ILE F 11 14.22 -26.64 -24.25
C ILE F 11 13.80 -28.05 -24.64
N THR F 12 14.73 -28.78 -25.24
CA THR F 12 14.55 -30.19 -25.58
C THR F 12 15.75 -30.96 -25.08
N LYS F 13 15.52 -31.97 -24.25
CA LYS F 13 16.59 -32.75 -23.65
C LYS F 13 16.20 -34.22 -23.63
N GLU F 14 17.18 -35.06 -23.32
CA GLU F 14 16.98 -36.49 -23.15
C GLU F 14 16.96 -36.83 -21.67
N THR F 15 16.47 -38.03 -21.36
CA THR F 15 16.40 -38.45 -19.96
C THR F 15 17.78 -38.45 -19.33
N GLY F 16 17.84 -38.04 -18.07
CA GLY F 16 19.04 -38.09 -17.28
C GLY F 16 19.88 -36.82 -17.27
N GLU F 17 19.76 -35.97 -18.29
CA GLU F 17 20.57 -34.75 -18.33
C GLU F 17 19.86 -33.67 -17.52
N SER F 18 20.39 -32.44 -17.58
CA SER F 18 19.88 -31.33 -16.78
C SER F 18 19.66 -30.11 -17.66
N LEU F 19 18.84 -29.19 -17.17
CA LEU F 19 18.55 -27.94 -17.84
C LEU F 19 18.61 -26.80 -16.81
N MET F 20 18.47 -25.57 -17.29
CA MET F 20 18.52 -24.41 -16.41
C MET F 20 17.74 -23.27 -17.03
N PHE F 21 16.80 -22.71 -16.27
CA PHE F 21 16.10 -21.49 -16.64
C PHE F 21 16.78 -20.28 -15.99
N THR F 22 16.43 -19.10 -16.49
CA THR F 22 16.97 -17.86 -15.94
C THR F 22 15.96 -16.75 -16.14
N CYS F 23 15.71 -15.99 -15.06
CA CYS F 23 14.83 -14.84 -15.09
C CYS F 23 15.58 -13.61 -14.59
N VAL F 24 15.33 -12.48 -15.23
CA VAL F 24 15.99 -11.22 -14.90
C VAL F 24 14.94 -10.13 -14.81
N LEU F 25 14.96 -9.38 -13.72
CA LEU F 25 14.03 -8.27 -13.52
C LEU F 25 14.51 -7.07 -14.33
N ARG F 26 13.65 -6.56 -15.20
CA ARG F 26 14.00 -5.48 -16.10
C ARG F 26 12.99 -4.34 -15.98
N ASP F 27 13.43 -3.14 -16.34
CA ASP F 27 12.59 -1.96 -16.36
C ASP F 27 11.99 -1.68 -14.98
N SER F 28 12.85 -1.64 -13.97
CA SER F 28 12.42 -1.37 -12.61
C SER F 28 13.58 -0.87 -11.79
N ASN F 29 13.28 0.02 -10.84
CA ASN F 29 14.27 0.54 -9.91
C ASN F 29 14.39 -0.32 -8.65
N CYS F 30 13.49 -1.27 -8.45
CA CYS F 30 13.52 -2.13 -7.27
C CYS F 30 14.40 -3.34 -7.51
N GLY F 31 14.90 -3.90 -6.40
CA GLY F 31 15.72 -5.09 -6.45
C GLY F 31 14.92 -6.34 -6.14
N LEU F 32 15.58 -7.49 -6.31
CA LEU F 32 14.95 -8.77 -6.04
C LEU F 32 14.64 -8.92 -4.56
N SER F 33 13.59 -9.69 -4.26
CA SER F 33 13.20 -9.96 -2.89
C SER F 33 12.76 -11.41 -2.74
N ARG F 34 11.52 -11.72 -3.14
CA ARG F 34 10.99 -13.07 -3.10
C ARG F 34 10.90 -13.61 -4.51
N THR F 35 11.47 -14.80 -4.73
CA THR F 35 11.50 -15.45 -6.02
C THR F 35 10.92 -16.86 -5.91
N PHE F 36 10.18 -17.27 -6.94
CA PHE F 36 9.53 -18.58 -6.96
C PHE F 36 9.59 -19.16 -8.37
N TRP F 37 9.35 -20.47 -8.46
CA TRP F 37 9.30 -21.18 -9.72
C TRP F 37 8.10 -22.11 -9.73
N TYR F 38 7.38 -22.14 -10.85
CA TYR F 38 6.14 -22.90 -10.98
C TYR F 38 6.22 -23.84 -12.18
N ARG F 39 5.36 -24.86 -12.15
CA ARG F 39 5.35 -25.90 -13.18
C ARG F 39 3.91 -26.24 -13.54
N THR F 40 3.66 -26.40 -14.84
CA THR F 40 2.37 -26.79 -15.38
C THR F 40 2.59 -28.03 -16.24
N LYS F 41 2.13 -29.18 -15.77
CA LYS F 41 2.33 -30.42 -16.50
C LYS F 41 1.47 -30.48 -17.76
N THR F 42 1.92 -31.27 -18.72
CA THR F 42 1.22 -31.45 -19.98
C THR F 42 -0.16 -32.07 -19.76
N GLY F 43 -1.18 -31.44 -20.36
CA GLY F 43 -2.54 -31.93 -20.26
C GLY F 43 -3.44 -31.22 -19.26
N SER F 44 -3.00 -30.09 -18.71
CA SER F 44 -3.83 -29.31 -17.80
C SER F 44 -3.12 -28.02 -17.48
N THR F 45 -3.91 -26.99 -17.15
CA THR F 45 -3.36 -25.71 -16.73
C THR F 45 -3.07 -25.67 -15.24
N ASN F 46 -3.32 -26.75 -14.51
CA ASN F 46 -2.99 -26.80 -13.10
C ASN F 46 -1.51 -26.50 -12.89
N GLU F 47 -1.19 -25.82 -11.80
CA GLU F 47 0.17 -25.38 -11.52
C GLU F 47 0.58 -25.81 -10.13
N GLU F 48 1.81 -26.31 -10.02
CA GLU F 48 2.40 -26.73 -8.75
C GLU F 48 3.66 -25.90 -8.49
N ARG F 49 3.81 -25.43 -7.26
CA ARG F 49 5.00 -24.67 -6.89
C ARG F 49 6.16 -25.62 -6.63
N ILE F 50 7.33 -25.25 -7.12
CA ILE F 50 8.53 -26.07 -6.96
C ILE F 50 9.22 -25.71 -5.66
N SER F 51 9.74 -26.73 -4.98
CA SER F 51 10.47 -26.57 -3.73
C SER F 51 11.95 -26.82 -4.00
N LYS F 52 12.80 -25.94 -3.49
CA LYS F 52 14.23 -26.07 -3.73
C LYS F 52 14.79 -27.29 -3.00
N GLY F 53 15.90 -27.81 -3.54
CA GLY F 53 16.60 -28.92 -2.93
C GLY F 53 16.71 -30.11 -3.86
N GLY F 54 17.56 -31.04 -3.45
CA GLY F 54 17.78 -32.26 -4.20
C GLY F 54 17.97 -32.05 -5.69
N ARG F 55 17.02 -32.54 -6.48
CA ARG F 55 17.11 -32.43 -7.93
C ARG F 55 16.81 -31.02 -8.43
N TYR F 56 16.21 -30.17 -7.61
CA TYR F 56 15.90 -28.79 -7.97
C TYR F 56 16.88 -27.86 -7.27
N VAL F 57 17.64 -27.10 -8.06
CA VAL F 57 18.67 -26.19 -7.55
C VAL F 57 18.32 -24.78 -8.00
N GLU F 58 18.21 -23.86 -7.04
CA GLU F 58 17.82 -22.48 -7.29
C GLU F 58 18.91 -21.53 -6.81
N THR F 59 19.14 -20.46 -7.57
CA THR F 59 20.14 -19.46 -7.24
C THR F 59 19.56 -18.07 -7.43
N VAL F 60 20.05 -17.12 -6.64
CA VAL F 60 19.62 -15.73 -6.72
C VAL F 60 20.85 -14.84 -6.68
N ASN F 61 20.96 -13.93 -7.65
CA ASN F 61 22.05 -12.96 -7.73
C ASN F 61 21.44 -11.57 -7.64
N SER F 62 21.42 -11.01 -6.43
CA SER F 62 20.82 -9.68 -6.23
C SER F 62 21.60 -8.62 -6.99
N GLY F 63 22.92 -8.81 -7.17
CA GLY F 63 23.71 -7.80 -7.86
C GLY F 63 23.27 -7.61 -9.30
N SER F 64 23.04 -8.72 -10.01
CA SER F 64 22.64 -8.68 -11.41
C SER F 64 21.13 -8.83 -11.60
N LYS F 65 20.36 -8.87 -10.52
CA LYS F 65 18.92 -9.00 -10.59
C LYS F 65 18.51 -10.22 -11.41
N SER F 66 19.16 -11.35 -11.12
CA SER F 66 18.91 -12.59 -11.85
C SER F 66 18.82 -13.75 -10.88
N PHE F 67 17.86 -14.64 -11.14
CA PHE F 67 17.70 -15.87 -10.37
C PHE F 67 17.44 -17.02 -11.33
N SER F 68 18.00 -18.19 -11.02
CA SER F 68 17.97 -19.33 -11.91
C SER F 68 17.42 -20.55 -11.19
N LEU F 69 16.96 -21.52 -11.98
CA LEU F 69 16.51 -22.81 -11.49
C LEU F 69 17.14 -23.90 -12.35
N ARG F 70 17.79 -24.85 -11.70
CA ARG F 70 18.41 -25.98 -12.39
C ARG F 70 17.74 -27.27 -11.94
N ILE F 71 17.39 -28.11 -12.91
CA ILE F 71 16.77 -29.41 -12.64
C ILE F 71 17.70 -30.48 -13.18
N ASN F 72 18.11 -31.39 -12.32
CA ASN F 72 19.02 -32.48 -12.69
C ASN F 72 18.26 -33.79 -12.83
N ASP F 73 18.89 -34.73 -13.51
CA ASP F 73 18.32 -36.05 -13.75
C ASP F 73 16.89 -35.94 -14.31
N LEU F 74 16.81 -35.34 -15.49
CA LEU F 74 15.52 -35.09 -16.11
C LEU F 74 14.82 -36.41 -16.42
N THR F 75 13.49 -36.34 -16.52
CA THR F 75 12.66 -37.50 -16.84
C THR F 75 11.59 -37.08 -17.84
N VAL F 76 10.98 -38.07 -18.49
CA VAL F 76 9.95 -37.80 -19.48
C VAL F 76 8.77 -37.07 -18.83
N GLU F 77 8.50 -37.34 -17.55
CA GLU F 77 7.41 -36.69 -16.85
C GLU F 77 7.68 -35.22 -16.56
N ASP F 78 8.93 -34.78 -16.68
CA ASP F 78 9.29 -33.38 -16.43
C ASP F 78 8.92 -32.48 -17.60
N SER F 79 8.36 -33.02 -18.67
CA SER F 79 7.95 -32.20 -19.80
C SER F 79 6.79 -31.30 -19.38
N GLY F 80 6.76 -30.10 -19.95
CA GLY F 80 5.74 -29.13 -19.66
C GLY F 80 6.29 -27.73 -19.79
N THR F 81 5.58 -26.78 -19.21
CA THR F 81 5.96 -25.38 -19.22
C THR F 81 6.27 -24.91 -17.81
N TYR F 82 7.37 -24.16 -17.67
CA TYR F 82 7.84 -23.66 -16.39
C TYR F 82 7.90 -22.13 -16.46
N ARG F 83 7.39 -21.48 -15.41
CA ARG F 83 7.39 -20.03 -15.35
C ARG F 83 7.83 -19.56 -13.97
N CYS F 84 8.57 -18.45 -13.94
CA CYS F 84 9.11 -17.88 -12.72
C CYS F 84 8.25 -16.72 -12.22
N ARG F 85 8.52 -16.31 -10.98
CA ARG F 85 7.77 -15.23 -10.35
C ARG F 85 8.69 -14.46 -9.41
N GLY F 86 8.63 -13.13 -9.49
CA GLY F 86 9.38 -12.26 -8.61
C GLY F 86 8.50 -11.15 -8.07
N LYS F 87 8.38 -11.03 -6.75
CA LYS F 87 7.47 -10.07 -6.15
C LYS F 87 8.09 -9.45 -4.90
N SER F 88 7.65 -8.23 -4.60
CA SER F 88 8.03 -7.52 -3.39
C SER F 88 6.87 -6.64 -2.98
N TRP F 89 6.56 -6.62 -1.68
CA TRP F 89 5.45 -5.82 -1.16
C TRP F 89 5.91 -4.51 -0.54
N TYR F 90 7.20 -4.18 -0.63
CA TYR F 90 7.68 -2.90 -0.14
C TYR F 90 6.88 -1.76 -0.77
N TYR F 91 6.21 -0.97 0.08
CA TYR F 91 5.29 0.05 -0.43
C TYR F 91 6.00 1.10 -1.27
N GLU F 92 7.31 1.28 -1.08
CA GLU F 92 8.04 2.28 -1.86
C GLU F 92 8.40 1.75 -3.24
N CYS F 93 8.52 0.44 -3.39
CA CYS F 93 8.83 -0.18 -4.68
C CYS F 93 8.22 -1.59 -4.69
N PRO F 94 6.90 -1.68 -4.87
CA PRO F 94 6.26 -3.00 -4.90
C PRO F 94 6.07 -3.52 -6.32
N TYR F 95 6.05 -4.84 -6.48
CA TYR F 95 5.82 -5.44 -7.78
C TYR F 95 5.46 -6.91 -7.60
N ASP F 96 4.92 -7.49 -8.65
CA ASP F 96 4.56 -8.91 -8.66
C ASP F 96 4.37 -9.31 -10.12
N VAL F 97 5.40 -9.89 -10.71
CA VAL F 97 5.41 -10.19 -12.14
C VAL F 97 5.85 -11.63 -12.34
N TYR F 98 5.39 -12.22 -13.44
CA TYR F 98 5.71 -13.58 -13.82
C TYR F 98 6.56 -13.60 -15.09
N GLY F 99 7.26 -14.71 -15.29
CA GLY F 99 8.07 -14.85 -16.49
C GLY F 99 7.26 -15.32 -17.68
N GLY F 100 7.84 -15.13 -18.86
CA GLY F 100 7.17 -15.53 -20.09
C GLY F 100 6.95 -17.03 -20.19
N GLY F 101 7.77 -17.83 -19.52
CA GLY F 101 7.61 -19.26 -19.54
C GLY F 101 8.62 -19.95 -20.45
N THR F 102 8.84 -21.23 -20.18
CA THR F 102 9.76 -22.04 -20.97
C THR F 102 9.13 -23.41 -21.18
N VAL F 103 8.97 -23.81 -22.44
CA VAL F 103 8.38 -25.08 -22.80
C VAL F 103 9.49 -26.13 -22.84
N VAL F 104 9.32 -27.20 -22.07
CA VAL F 104 10.32 -28.25 -21.92
C VAL F 104 9.77 -29.54 -22.51
N THR F 105 10.60 -30.23 -23.30
CA THR F 105 10.25 -31.51 -23.89
C THR F 105 11.39 -32.47 -23.62
N VAL F 106 11.11 -33.53 -22.86
CA VAL F 106 12.10 -34.53 -22.48
C VAL F 106 11.82 -35.80 -23.25
N ASN F 107 12.77 -36.21 -24.08
CA ASN F 107 12.65 -37.40 -24.91
C ASN F 107 13.57 -38.50 -24.38
N SER F 108 13.56 -39.63 -25.08
CA SER F 108 14.39 -40.77 -24.71
C SER F 108 14.85 -41.51 -25.95
#